data_4XSE
#
_entry.id   4XSE
#
_cell.length_a   153.379
_cell.length_b   153.379
_cell.length_c   89.180
_cell.angle_alpha   90.00
_cell.angle_beta   90.00
_cell.angle_gamma   120.00
#
_symmetry.space_group_name_H-M   'P 32'
#
loop_
_entity.id
_entity.type
_entity.pdbx_description
1 polymer 'Thymidylate synthase'
2 non-polymer 'PHOSPHATE ION'
#
_entity_poly.entity_id   1
_entity_poly.type   'polypeptide(L)'
_entity_poly.pdbx_seq_one_letter_code
;MHHHHHHSSGVDLGTENLYFQSMTKVPGFTLTGELQYLKQVDDILRYGVRKRDRTGIGTLSLFGMQARYNLRNEFPLLTT
KRVFWRAVVEELLWFIRGSTDSKELAAKDIHIWDIYGSSKFLNRNGFHKRHTGDLGPIYGFQWRHFGAEYKDCQSNYLQQ
GIDQLQTVIDTIKTNPESRRMIISSWNPKDIPLMVLPPCHTLCQFYVANGELSCQVYQRSGDMGLGVPFNIAGYALLTYI
VAHVTGLKTGDLIHTMGDAHIYLNHIDALKVQLARSPKPFPCLKIIRNVTDINDFKWDDFQLDGYNPHPPL
;
_entity_poly.pdbx_strand_id   C,B,D,A
#
# COMPACT_ATOMS: atom_id res chain seq x y z
N LEU A 31 3.12 27.08 44.79
CA LEU A 31 3.41 27.40 43.41
C LEU A 31 4.70 26.70 42.96
N THR A 32 5.65 26.50 43.90
CA THR A 32 6.97 25.98 43.54
C THR A 32 7.41 24.70 44.24
N GLY A 33 8.22 23.90 43.53
CA GLY A 33 8.92 22.76 44.11
C GLY A 33 8.01 21.66 44.63
N GLU A 34 8.36 21.15 45.82
CA GLU A 34 7.66 20.04 46.50
C GLU A 34 6.20 20.37 46.80
N LEU A 35 5.90 21.62 47.08
CA LEU A 35 4.53 22.06 47.22
C LEU A 35 3.75 21.72 45.97
N GLN A 36 4.30 22.07 44.80
CA GLN A 36 3.65 21.77 43.53
C GLN A 36 3.44 20.26 43.35
N TYR A 37 4.23 19.48 44.10
CA TYR A 37 4.13 18.02 44.12
C TYR A 37 3.02 17.54 45.03
N LEU A 38 2.57 18.37 45.95
CA LEU A 38 1.41 18.01 46.76
C LEU A 38 0.12 18.28 45.99
N LYS A 39 0.08 19.41 45.29
CA LYS A 39 -1.10 19.82 44.55
C LYS A 39 -1.45 18.80 43.48
N GLN A 40 -0.41 18.24 42.86
CA GLN A 40 -0.58 17.13 41.94
C GLN A 40 -1.21 15.97 42.68
N VAL A 41 -0.56 15.60 43.79
CA VAL A 41 -1.13 14.64 44.71
C VAL A 41 -2.56 15.09 45.09
N ASP A 42 -2.70 16.30 45.65
CA ASP A 42 -4.00 16.88 46.00
C ASP A 42 -5.04 16.70 44.89
N ASP A 43 -4.81 17.32 43.73
CA ASP A 43 -5.71 17.27 42.57
C ASP A 43 -6.13 15.84 42.17
N ILE A 44 -5.16 14.94 41.99
CA ILE A 44 -5.47 13.56 41.57
C ILE A 44 -6.41 12.81 42.56
N LEU A 45 -6.16 12.94 43.87
CA LEU A 45 -7.02 12.33 44.90
C LEU A 45 -8.47 12.76 44.78
N ARG A 46 -8.68 14.06 44.76
CA ARG A 46 -9.99 14.62 44.51
C ARG A 46 -10.51 14.23 43.14
N TYR A 47 -9.82 14.74 42.12
CA TYR A 47 -10.33 14.81 40.76
C TYR A 47 -9.95 13.68 39.77
N GLY A 48 -9.23 12.66 40.23
CA GLY A 48 -8.70 11.67 39.31
C GLY A 48 -9.75 10.74 38.70
N VAL A 49 -9.28 9.66 38.09
CA VAL A 49 -10.16 8.71 37.43
C VAL A 49 -9.88 7.29 37.91
N ARG A 50 -10.92 6.67 38.47
CA ARG A 50 -10.86 5.28 38.94
C ARG A 50 -10.61 4.36 37.75
N LYS A 51 -9.73 3.37 37.90
CA LYS A 51 -9.40 2.52 36.76
C LYS A 51 -9.12 1.08 37.15
N ARG A 52 -8.52 0.32 36.23
CA ARG A 52 -7.97 -1.01 36.54
C ARG A 52 -6.53 -1.06 36.02
N ASP A 53 -5.90 -2.23 36.11
CA ASP A 53 -4.55 -2.43 35.58
C ASP A 53 -4.32 -3.92 35.27
N GLY A 56 -5.89 -7.13 37.92
CA GLY A 56 -5.05 -5.95 37.95
C GLY A 56 -5.33 -5.09 39.17
N ILE A 57 -4.64 -3.94 39.27
CA ILE A 57 -4.84 -3.03 40.39
C ILE A 57 -5.55 -1.73 40.00
N GLY A 58 -6.54 -1.36 40.80
CA GLY A 58 -7.22 -0.09 40.64
C GLY A 58 -6.30 1.06 41.02
N THR A 59 -6.77 2.27 40.76
CA THR A 59 -5.95 3.49 40.86
C THR A 59 -6.81 4.70 40.57
N LEU A 60 -6.35 5.88 40.97
CA LEU A 60 -6.95 7.14 40.56
C LEU A 60 -5.95 7.88 39.68
N SER A 61 -6.41 8.39 38.54
CA SER A 61 -5.48 8.90 37.54
C SER A 61 -5.91 10.23 36.95
N LEU A 62 -4.93 11.05 36.59
CA LEU A 62 -5.18 12.28 35.82
C LEU A 62 -4.06 12.37 34.78
N PHE A 63 -4.22 13.27 33.82
CA PHE A 63 -3.33 13.29 32.66
C PHE A 63 -2.70 14.68 32.41
N GLY A 64 -1.51 14.72 31.84
CA GLY A 64 -0.95 15.99 31.47
C GLY A 64 -0.54 16.88 32.63
N MET A 65 0.39 16.43 33.45
CA MET A 65 0.86 17.24 34.57
C MET A 65 2.25 17.79 34.32
N GLN A 66 2.50 19.00 34.85
CA GLN A 66 3.83 19.60 34.82
C GLN A 66 4.10 20.42 36.08
N ALA A 67 5.37 20.61 36.44
CA ALA A 67 5.77 21.40 37.61
C ALA A 67 7.27 21.78 37.53
N ARG A 68 7.69 22.79 38.28
CA ARG A 68 9.08 23.23 38.19
C ARG A 68 9.89 23.09 39.49
N TYR A 69 11.15 22.69 39.36
CA TYR A 69 12.03 22.51 40.53
C TYR A 69 13.36 23.32 40.45
N ASN A 70 13.55 24.29 41.34
CA ASN A 70 14.74 25.10 41.26
C ASN A 70 15.99 24.37 41.63
N LEU A 71 16.91 24.25 40.69
CA LEU A 71 18.09 23.44 40.93
C LEU A 71 19.25 24.33 41.43
N ARG A 72 18.95 25.61 41.66
CA ARG A 72 19.96 26.55 42.08
C ARG A 72 20.10 26.52 43.59
N ASN A 73 21.25 26.01 44.03
CA ASN A 73 21.69 25.97 45.43
C ASN A 73 20.87 25.06 46.41
N GLU A 74 20.12 24.11 45.85
CA GLU A 74 19.43 23.05 46.61
C GLU A 74 19.04 21.90 45.68
N PHE A 75 18.86 20.70 46.24
CA PHE A 75 18.56 19.51 45.43
C PHE A 75 17.14 19.01 45.67
N PRO A 76 16.31 18.99 44.62
CA PRO A 76 14.89 18.67 44.89
C PRO A 76 14.60 17.20 45.25
N LEU A 77 15.30 16.70 46.26
CA LEU A 77 15.09 15.35 46.79
C LEU A 77 13.98 15.45 47.83
N LEU A 78 12.95 14.60 47.74
CA LEU A 78 11.69 14.91 48.43
C LEU A 78 11.64 14.55 49.91
N THR A 79 11.05 15.46 50.69
CA THR A 79 11.04 15.37 52.15
C THR A 79 9.77 14.88 52.86
N THR A 80 8.67 14.64 52.14
CA THR A 80 7.48 14.11 52.80
C THR A 80 7.55 12.60 52.97
N LYS A 81 8.48 11.97 52.26
CA LYS A 81 8.78 10.55 52.39
C LYS A 81 10.24 10.38 51.95
N ARG A 82 10.93 9.42 52.55
CA ARG A 82 12.34 9.20 52.24
C ARG A 82 12.50 8.50 50.88
N VAL A 83 13.27 9.15 50.00
CA VAL A 83 13.61 8.61 48.67
C VAL A 83 15.00 7.95 48.74
N PHE A 84 15.20 6.82 48.05
CA PHE A 84 16.46 6.08 48.17
C PHE A 84 17.50 6.81 47.33
N TRP A 85 18.53 7.32 48.01
CA TRP A 85 19.52 8.16 47.38
C TRP A 85 20.57 7.36 46.65
N ARG A 86 21.02 6.25 47.24
CA ARG A 86 22.03 5.42 46.59
C ARG A 86 21.40 4.56 45.47
N ALA A 87 20.09 4.36 45.53
CA ALA A 87 19.37 3.81 44.38
C ALA A 87 19.50 4.76 43.18
N VAL A 88 19.13 6.02 43.43
CA VAL A 88 19.07 7.07 42.42
C VAL A 88 20.43 7.36 41.80
N VAL A 89 21.48 7.45 42.62
CA VAL A 89 22.83 7.71 42.13
C VAL A 89 23.34 6.52 41.32
N GLU A 90 23.22 5.34 41.90
CA GLU A 90 23.84 4.15 41.32
C GLU A 90 23.09 3.60 40.10
N GLU A 91 21.78 3.84 40.06
CA GLU A 91 21.00 3.53 38.85
C GLU A 91 21.54 4.33 37.67
N LEU A 92 21.74 5.63 37.88
CA LEU A 92 22.21 6.54 36.85
C LEU A 92 23.61 6.24 36.39
N LEU A 93 24.52 5.99 37.33
CA LEU A 93 25.89 5.69 36.90
C LEU A 93 25.86 4.50 35.95
N TRP A 94 24.95 3.57 36.28
CA TRP A 94 24.69 2.35 35.53
C TRP A 94 23.76 2.56 34.32
N PHE A 95 23.05 3.68 34.29
CA PHE A 95 22.42 4.17 33.07
C PHE A 95 23.50 4.74 32.20
N ILE A 96 24.40 5.47 32.84
CA ILE A 96 25.40 6.27 32.18
C ILE A 96 26.39 5.47 31.37
N ARG A 97 26.92 4.38 31.92
CA ARG A 97 27.81 3.56 31.09
C ARG A 97 26.97 2.55 30.35
N GLY A 98 25.66 2.68 30.54
CA GLY A 98 24.70 2.07 29.65
C GLY A 98 24.51 0.60 29.89
N SER A 99 25.33 0.01 30.75
CA SER A 99 25.16 -1.42 30.97
C SER A 99 23.82 -1.67 31.65
N THR A 100 23.09 -2.67 31.17
CA THR A 100 21.90 -3.13 31.89
C THR A 100 22.14 -4.53 32.44
N ASP A 101 22.38 -4.60 33.75
CA ASP A 101 22.53 -5.86 34.45
C ASP A 101 21.91 -5.83 35.86
N SER A 102 20.96 -6.70 36.12
CA SER A 102 20.45 -6.81 37.47
C SER A 102 21.59 -7.19 38.43
N LYS A 103 22.49 -8.06 37.96
CA LYS A 103 23.63 -8.55 38.74
C LYS A 103 24.57 -7.42 39.15
N GLU A 104 24.59 -6.35 38.36
CA GLU A 104 25.50 -5.24 38.62
C GLU A 104 24.96 -4.38 39.75
N LEU A 105 23.64 -4.17 39.76
CA LEU A 105 23.07 -3.37 40.80
C LEU A 105 22.97 -4.16 42.09
N ALA A 106 22.67 -5.44 41.99
CA ALA A 106 22.32 -6.24 43.17
C ALA A 106 23.46 -6.38 44.20
N ALA A 107 24.70 -6.46 43.71
CA ALA A 107 25.85 -6.61 44.60
C ALA A 107 26.08 -5.36 45.46
N LYS A 108 25.56 -4.23 44.98
CA LYS A 108 25.64 -2.95 45.66
C LYS A 108 24.40 -2.80 46.54
N ASP A 109 23.65 -3.88 46.62
CA ASP A 109 22.46 -4.05 47.49
C ASP A 109 21.40 -3.02 47.15
N ILE A 110 21.52 -2.52 45.92
CA ILE A 110 20.42 -1.81 45.31
C ILE A 110 19.82 -2.76 44.31
N HIS A 111 18.64 -3.28 44.58
CA HIS A 111 18.00 -4.08 43.58
C HIS A 111 16.54 -3.68 43.37
N ILE A 112 16.29 -2.90 42.34
CA ILE A 112 14.94 -2.61 41.91
C ILE A 112 14.61 -3.50 40.71
N TRP A 113 15.66 -4.01 40.10
CA TRP A 113 15.58 -4.68 38.80
C TRP A 113 15.56 -6.21 38.86
N ASP A 114 15.74 -6.78 40.05
CA ASP A 114 15.78 -8.24 40.21
C ASP A 114 14.46 -8.92 39.87
N ILE A 115 13.35 -8.28 40.24
CA ILE A 115 12.04 -8.73 39.84
C ILE A 115 12.01 -8.89 38.33
N TYR A 116 12.58 -7.93 37.62
CA TYR A 116 12.59 -7.95 36.16
C TYR A 116 13.78 -8.71 35.54
N GLY A 117 14.82 -9.00 36.32
CA GLY A 117 15.99 -9.69 35.81
C GLY A 117 16.17 -11.12 36.30
N SER A 118 15.19 -11.60 37.06
CA SER A 118 15.21 -12.95 37.66
C SER A 118 14.57 -13.96 36.74
N SER A 119 15.16 -15.17 36.72
CA SER A 119 14.76 -16.19 35.76
C SER A 119 13.41 -16.87 36.02
N LYS A 120 12.78 -16.54 37.15
CA LYS A 120 11.36 -16.86 37.32
C LYS A 120 10.48 -15.86 36.55
N PHE A 121 10.93 -14.60 36.46
CA PHE A 121 10.24 -13.58 35.67
C PHE A 121 10.59 -13.56 34.19
N LEU A 122 11.88 -13.75 33.89
CA LEU A 122 12.36 -13.87 32.51
C LEU A 122 11.58 -14.97 31.77
N ASN A 123 11.55 -16.17 32.34
CA ASN A 123 11.01 -17.32 31.61
C ASN A 123 9.48 -17.28 31.41
N ARG A 124 8.78 -16.29 31.97
CA ARG A 124 7.32 -16.16 31.76
C ARG A 124 6.93 -15.70 30.35
N ASN A 125 7.52 -14.61 29.84
CA ASN A 125 7.01 -14.04 28.58
C ASN A 125 7.76 -14.43 27.30
N GLY A 126 8.70 -15.36 27.36
CA GLY A 126 9.53 -15.63 26.18
C GLY A 126 10.99 -15.21 26.25
N PHE A 127 11.46 -14.98 27.47
CA PHE A 127 12.86 -14.72 27.71
C PHE A 127 13.61 -16.02 27.95
N HIS A 128 12.96 -17.14 27.62
CA HIS A 128 13.53 -18.46 27.81
C HIS A 128 14.95 -18.61 27.20
N LYS A 129 15.31 -17.68 26.32
CA LYS A 129 16.65 -17.63 25.75
C LYS A 129 17.59 -16.70 26.51
N ARG A 130 17.12 -16.15 27.65
CA ARG A 130 17.84 -15.08 28.37
C ARG A 130 18.46 -15.52 29.71
N HIS A 131 19.66 -14.99 30.00
CA HIS A 131 20.38 -15.24 31.25
C HIS A 131 19.92 -14.35 32.43
N THR A 132 20.13 -14.82 33.67
CA THR A 132 19.79 -14.06 34.88
C THR A 132 20.55 -12.75 35.05
N GLY A 133 19.84 -11.69 35.42
CA GLY A 133 20.48 -10.39 35.57
C GLY A 133 20.54 -9.61 34.27
N ASP A 134 20.16 -10.25 33.16
CA ASP A 134 20.08 -9.56 31.88
C ASP A 134 18.70 -8.98 31.61
N LEU A 135 18.64 -7.77 31.07
CA LEU A 135 17.33 -7.15 30.85
C LEU A 135 17.02 -6.92 29.38
N GLY A 136 17.76 -6.02 28.77
CA GLY A 136 17.50 -5.64 27.41
C GLY A 136 18.16 -4.31 27.20
N PRO A 137 17.87 -3.68 26.04
CA PRO A 137 18.40 -2.40 25.54
C PRO A 137 17.96 -1.17 26.35
N ILE A 138 16.99 -1.32 27.24
CA ILE A 138 16.31 -0.17 27.86
C ILE A 138 17.26 0.84 28.52
N TYR A 139 16.86 2.10 28.43
CA TYR A 139 17.58 3.17 29.10
C TYR A 139 19.04 3.20 28.70
N GLY A 140 19.92 2.82 29.63
CA GLY A 140 21.34 3.03 29.46
C GLY A 140 21.93 2.69 28.10
N PHE A 141 21.52 1.55 27.56
CA PHE A 141 22.05 1.10 26.28
C PHE A 141 21.59 2.04 25.18
N GLN A 142 20.32 2.42 25.24
CA GLN A 142 19.73 3.36 24.32
C GLN A 142 20.44 4.70 24.37
N TRP A 143 20.75 5.13 25.57
CA TRP A 143 21.48 6.37 25.76
C TRP A 143 22.79 6.32 25.04
N ARG A 144 23.57 5.30 25.37
CA ARG A 144 24.92 5.12 24.85
C ARG A 144 25.04 4.44 23.47
N HIS A 145 24.09 3.57 23.11
CA HIS A 145 24.00 3.06 21.73
C HIS A 145 22.56 2.97 21.21
N PHE A 146 22.24 3.74 20.19
CA PHE A 146 20.88 3.70 19.66
C PHE A 146 20.87 3.09 18.27
N GLY A 147 19.76 2.43 17.94
CA GLY A 147 19.60 1.81 16.64
C GLY A 147 20.56 0.64 16.45
N ALA A 148 21.35 0.34 17.47
CA ALA A 148 22.35 -0.71 17.39
C ALA A 148 21.67 -2.10 17.35
N GLU A 149 22.47 -3.15 17.19
CA GLU A 149 21.99 -4.53 17.26
C GLU A 149 22.15 -5.05 18.69
N TYR A 150 21.02 -5.31 19.37
CA TYR A 150 21.14 -5.75 20.76
C TYR A 150 21.44 -7.23 20.86
N LYS A 151 22.58 -7.54 21.46
CA LYS A 151 23.01 -8.90 21.62
C LYS A 151 22.77 -9.36 23.07
N ASP A 152 23.61 -8.90 23.98
CA ASP A 152 23.50 -9.29 25.39
C ASP A 152 24.49 -8.52 26.25
N CYS A 153 24.26 -8.54 27.55
CA CYS A 153 25.01 -7.70 28.48
C CYS A 153 26.41 -8.19 28.77
N GLN A 154 26.71 -9.42 28.35
CA GLN A 154 28.08 -9.91 28.39
C GLN A 154 28.89 -9.19 27.30
N SER A 155 28.21 -8.74 26.24
CA SER A 155 28.86 -8.06 25.09
C SER A 155 29.08 -6.56 25.28
N ASN A 156 30.26 -6.09 24.88
CA ASN A 156 30.61 -4.66 24.91
C ASN A 156 30.29 -4.02 23.55
N TYR A 157 29.35 -3.08 23.55
CA TYR A 157 28.79 -2.48 22.34
C TYR A 157 29.47 -1.19 21.88
N LEU A 158 30.61 -0.83 22.49
CA LEU A 158 31.32 0.35 22.01
C LEU A 158 31.76 0.11 20.58
N GLN A 159 31.95 1.22 19.85
CA GLN A 159 32.18 1.23 18.39
C GLN A 159 30.83 1.07 17.63
N GLN A 160 29.72 0.93 18.37
CA GLN A 160 28.40 0.55 17.82
C GLN A 160 27.23 1.46 18.21
N GLY A 161 26.13 1.39 17.46
CA GLY A 161 24.94 2.21 17.75
C GLY A 161 25.25 3.69 17.72
N ILE A 162 24.35 4.53 18.23
CA ILE A 162 24.71 5.94 18.46
C ILE A 162 24.35 6.39 19.88
N ASP A 163 25.18 7.25 20.46
CA ASP A 163 24.97 7.69 21.82
C ASP A 163 24.19 8.99 21.92
N GLN A 164 23.13 8.98 22.72
CA GLN A 164 22.34 10.19 22.92
C GLN A 164 23.00 11.12 23.92
N LEU A 165 23.88 10.59 24.76
CA LEU A 165 24.37 11.34 25.89
C LEU A 165 25.58 12.23 25.62
N GLN A 166 26.73 11.61 25.40
CA GLN A 166 27.96 12.33 25.16
C GLN A 166 27.79 13.29 23.98
N THR A 167 26.82 13.05 23.09
CA THR A 167 26.56 14.04 22.04
C THR A 167 25.92 15.24 22.68
N VAL A 168 24.89 15.00 23.50
CA VAL A 168 24.23 16.05 24.23
C VAL A 168 25.29 16.80 25.07
N ILE A 169 26.13 16.08 25.80
CA ILE A 169 27.24 16.71 26.52
C ILE A 169 28.13 17.57 25.61
N ASP A 170 28.54 17.03 24.47
CA ASP A 170 29.43 17.74 23.56
C ASP A 170 28.73 18.88 22.79
N THR A 171 27.41 18.82 22.61
CA THR A 171 26.69 19.96 22.01
C THR A 171 26.79 21.23 22.86
N ILE A 172 26.56 21.08 24.16
CA ILE A 172 26.41 22.24 25.04
C ILE A 172 27.70 23.07 25.06
N LYS A 173 28.83 22.39 24.90
CA LYS A 173 30.15 23.02 24.80
C LYS A 173 30.30 23.80 23.48
N THR A 174 29.85 23.22 22.36
CA THR A 174 29.98 23.89 21.06
C THR A 174 28.79 24.83 20.73
N ASN A 175 27.59 24.30 20.61
CA ASN A 175 26.39 25.11 20.32
C ASN A 175 25.24 24.92 21.32
N PRO A 176 25.36 25.53 22.51
CA PRO A 176 24.50 25.35 23.68
C PRO A 176 23.05 25.79 23.49
N GLU A 177 22.80 26.59 22.46
CA GLU A 177 21.46 27.18 22.30
C GLU A 177 20.51 26.22 21.63
N SER A 178 21.06 25.22 20.98
CA SER A 178 20.29 24.28 20.20
C SER A 178 19.11 23.70 20.97
N ARG A 179 17.96 23.63 20.31
CA ARG A 179 16.74 23.12 20.94
C ARG A 179 16.55 21.67 20.56
N ARG A 180 17.49 21.15 19.78
CA ARG A 180 17.50 19.76 19.33
C ARG A 180 18.33 18.88 20.28
N MET A 181 18.74 19.40 21.45
CA MET A 181 19.42 18.51 22.39
C MET A 181 18.39 17.65 23.09
N ILE A 182 18.32 16.37 22.72
CA ILE A 182 17.22 15.51 23.21
C ILE A 182 17.61 14.03 23.35
N ILE A 183 17.15 13.44 24.45
CA ILE A 183 17.33 12.02 24.67
C ILE A 183 15.97 11.37 24.89
N SER A 184 15.50 10.52 23.97
CA SER A 184 14.24 9.85 24.24
C SER A 184 14.42 8.36 24.30
N SER A 185 13.87 7.80 25.37
CA SER A 185 13.97 6.38 25.66
C SER A 185 13.01 5.53 24.84
N TRP A 186 12.15 6.16 24.05
CA TRP A 186 11.12 5.41 23.37
C TRP A 186 11.57 4.96 21.97
N ASN A 187 11.77 3.64 21.89
CA ASN A 187 12.25 2.94 20.71
C ASN A 187 11.48 1.62 20.57
N PRO A 188 10.31 1.67 19.90
CA PRO A 188 9.44 0.51 19.66
C PRO A 188 10.14 -0.61 18.91
N LYS A 189 11.29 -0.31 18.31
CA LYS A 189 12.29 -1.30 17.87
C LYS A 189 12.59 -2.32 18.95
N ASP A 190 13.12 -1.86 20.09
CA ASP A 190 13.53 -2.77 21.15
C ASP A 190 12.48 -2.91 22.22
N ILE A 191 11.35 -2.22 22.10
CA ILE A 191 10.31 -2.28 23.14
C ILE A 191 9.91 -3.72 23.54
N PRO A 192 9.62 -4.60 22.56
CA PRO A 192 9.33 -6.02 22.89
C PRO A 192 10.47 -6.81 23.56
N LEU A 193 11.69 -6.29 23.41
CA LEU A 193 12.91 -6.91 23.88
C LEU A 193 13.39 -6.36 25.24
N MET A 194 12.63 -5.44 25.82
CA MET A 194 12.91 -4.92 27.16
C MET A 194 11.85 -5.46 28.11
N VAL A 195 12.19 -5.61 29.39
CA VAL A 195 11.27 -6.24 30.34
C VAL A 195 9.99 -5.41 30.48
N LEU A 196 10.18 -4.10 30.63
CA LEU A 196 9.08 -3.15 30.61
C LEU A 196 9.47 -1.94 29.77
N PRO A 197 8.50 -1.42 29.01
CA PRO A 197 8.58 -0.13 28.32
C PRO A 197 9.06 0.98 29.25
N PRO A 198 9.94 1.87 28.74
CA PRO A 198 10.53 2.88 29.62
C PRO A 198 9.47 3.78 30.26
N CYS A 199 9.55 3.97 31.57
CA CYS A 199 8.55 4.75 32.26
C CYS A 199 8.75 6.24 32.02
N HIS A 200 10.01 6.67 32.05
CA HIS A 200 10.34 8.06 31.75
C HIS A 200 10.85 8.14 30.33
N THR A 201 10.01 8.64 29.45
CA THR A 201 10.17 8.44 28.02
C THR A 201 11.19 9.36 27.33
N LEU A 202 11.33 10.60 27.81
CA LEU A 202 12.37 11.50 27.26
C LEU A 202 12.77 12.67 28.17
N CYS A 203 13.90 13.28 27.83
CA CYS A 203 14.28 14.55 28.40
C CYS A 203 14.78 15.51 27.33
N GLN A 204 14.81 16.79 27.70
CA GLN A 204 15.37 17.82 26.86
C GLN A 204 16.24 18.65 27.76
N PHE A 205 17.25 19.31 27.19
CA PHE A 205 18.02 20.29 27.97
C PHE A 205 17.85 21.69 27.41
N TYR A 206 18.49 22.65 28.08
CA TYR A 206 18.28 24.05 27.78
C TYR A 206 19.51 24.80 28.26
N VAL A 207 19.88 25.90 27.62
CA VAL A 207 20.92 26.75 28.19
C VAL A 207 20.52 28.21 28.14
N ALA A 208 20.36 28.83 29.30
CA ALA A 208 20.17 30.26 29.33
C ALA A 208 20.78 30.92 30.56
N ASN A 209 21.64 31.93 30.35
CA ASN A 209 22.41 32.57 31.43
C ASN A 209 23.30 31.52 32.11
N GLY A 210 24.00 30.73 31.30
CA GLY A 210 24.94 29.75 31.80
C GLY A 210 24.32 28.66 32.68
N GLU A 211 23.01 28.71 32.86
CA GLU A 211 22.27 27.71 33.63
C GLU A 211 21.68 26.68 32.70
N LEU A 212 22.24 25.47 32.74
CA LEU A 212 21.68 24.28 32.07
C LEU A 212 20.39 23.76 32.72
N SER A 213 19.30 23.61 31.96
CA SER A 213 18.04 23.06 32.51
C SER A 213 17.70 21.71 31.91
N CYS A 214 16.68 21.05 32.47
CA CYS A 214 16.23 19.76 31.94
C CYS A 214 14.77 19.47 32.18
N GLN A 215 14.10 18.94 31.16
CA GLN A 215 12.68 18.63 31.28
C GLN A 215 12.38 17.15 30.99
N VAL A 216 11.90 16.43 31.99
CA VAL A 216 11.65 14.98 31.88
C VAL A 216 10.21 14.62 31.54
N TYR A 217 10.02 13.86 30.47
CA TYR A 217 8.70 13.31 30.14
C TYR A 217 8.49 11.96 30.83
N GLN A 218 7.53 11.89 31.75
CA GLN A 218 7.11 10.59 32.25
C GLN A 218 5.77 10.24 31.66
N ARG A 219 5.68 9.01 31.12
CA ARG A 219 4.46 8.51 30.49
C ARG A 219 3.51 7.94 31.50
N SER A 220 4.09 7.41 32.58
CA SER A 220 3.36 6.96 33.75
C SER A 220 4.25 7.25 34.94
N GLY A 221 3.66 7.60 36.07
CA GLY A 221 4.42 7.72 37.31
C GLY A 221 3.60 7.65 38.60
N ASP A 222 4.25 7.18 39.66
CA ASP A 222 3.60 6.99 40.95
C ASP A 222 3.91 8.15 41.84
N MET A 223 2.87 8.90 42.20
CA MET A 223 3.06 10.09 43.01
C MET A 223 3.70 9.78 44.35
N GLY A 224 3.54 8.56 44.83
CA GLY A 224 4.10 8.16 46.11
C GLY A 224 5.40 7.41 46.04
N LEU A 225 5.73 6.86 44.86
CA LEU A 225 6.86 5.94 44.75
C LEU A 225 7.86 6.26 43.61
N GLY A 226 7.41 6.14 42.37
CA GLY A 226 8.29 6.27 41.23
C GLY A 226 8.61 7.68 40.77
N VAL A 227 7.63 8.58 40.85
CA VAL A 227 7.83 9.97 40.44
C VAL A 227 8.91 10.66 41.28
N PRO A 228 8.73 10.69 42.62
CA PRO A 228 9.74 11.39 43.40
C PRO A 228 11.12 10.84 43.15
N PHE A 229 11.18 9.55 42.84
CA PHE A 229 12.44 8.86 42.58
C PHE A 229 13.07 9.33 41.28
N ASN A 230 12.24 9.62 40.30
CA ASN A 230 12.76 10.05 39.01
C ASN A 230 12.76 11.56 38.93
N ILE A 231 12.33 12.24 39.98
CA ILE A 231 12.52 13.69 40.10
C ILE A 231 13.95 13.95 40.59
N ALA A 232 14.43 13.03 41.42
CA ALA A 232 15.76 13.15 41.94
C ALA A 232 16.79 12.43 41.05
N GLY A 233 16.31 11.66 40.09
CA GLY A 233 17.22 11.10 39.12
C GLY A 233 17.76 12.15 38.17
N TYR A 234 16.83 12.78 37.44
CA TYR A 234 17.18 13.65 36.35
C TYR A 234 17.70 14.94 36.90
N ALA A 235 17.31 15.24 38.13
CA ALA A 235 17.88 16.37 38.85
C ALA A 235 19.39 16.23 38.91
N LEU A 236 19.83 15.09 39.41
CA LEU A 236 21.23 14.78 39.47
C LEU A 236 21.88 14.77 38.08
N LEU A 237 21.20 14.22 37.07
CA LEU A 237 21.75 14.23 35.72
C LEU A 237 22.02 15.67 35.26
N THR A 238 21.07 16.56 35.53
CA THR A 238 21.25 17.98 35.23
C THR A 238 22.50 18.50 35.90
N TYR A 239 22.62 18.18 37.18
CA TYR A 239 23.76 18.55 37.97
C TYR A 239 25.07 17.97 37.39
N ILE A 240 25.11 16.65 37.16
CA ILE A 240 26.31 16.05 36.57
C ILE A 240 26.78 16.74 35.28
N VAL A 241 25.89 16.87 34.31
CA VAL A 241 26.24 17.48 33.02
C VAL A 241 26.62 18.94 33.20
N ALA A 242 25.94 19.61 34.13
CA ALA A 242 26.27 20.99 34.47
C ALA A 242 27.72 21.01 34.89
N HIS A 243 28.03 20.22 35.92
CA HIS A 243 29.40 20.03 36.40
C HIS A 243 30.35 19.67 35.25
N VAL A 244 30.00 18.64 34.47
CA VAL A 244 30.86 18.21 33.37
C VAL A 244 31.13 19.36 32.40
N THR A 245 30.09 20.13 32.09
CA THR A 245 30.23 21.25 31.17
C THR A 245 30.83 22.48 31.84
N GLY A 246 30.48 22.74 33.10
CA GLY A 246 30.97 23.93 33.76
C GLY A 246 29.88 24.98 33.87
N LEU A 247 28.70 24.65 33.36
CA LEU A 247 27.52 25.50 33.54
C LEU A 247 26.84 25.27 34.90
N LYS A 248 26.24 26.32 35.43
CA LYS A 248 25.39 26.19 36.59
C LYS A 248 24.09 25.45 36.21
N THR A 249 23.37 25.01 37.24
CA THR A 249 22.08 24.34 37.13
C THR A 249 20.96 25.31 37.39
N GLY A 250 20.14 25.61 36.39
CA GLY A 250 18.96 26.39 36.66
C GLY A 250 17.70 25.74 37.23
N ASP A 251 17.05 24.89 36.43
CA ASP A 251 15.68 24.46 36.75
C ASP A 251 15.35 23.12 36.09
N LEU A 252 14.47 22.37 36.75
CA LEU A 252 14.01 21.05 36.29
C LEU A 252 12.53 21.06 36.19
N ILE A 253 12.02 20.84 34.99
CA ILE A 253 10.59 20.84 34.75
C ILE A 253 10.15 19.39 34.67
N HIS A 254 9.25 19.02 35.57
CA HIS A 254 8.77 17.66 35.60
C HIS A 254 7.51 17.55 34.76
N THR A 255 7.61 16.92 33.61
CA THR A 255 6.46 16.77 32.75
C THR A 255 5.86 15.38 32.89
N MET A 256 4.54 15.29 33.14
CA MET A 256 3.98 13.95 33.26
C MET A 256 2.86 13.69 32.32
N GLY A 257 2.75 12.41 31.99
CA GLY A 257 1.67 11.83 31.23
C GLY A 257 0.68 11.38 32.26
N ASP A 258 0.17 10.16 32.10
CA ASP A 258 -0.70 9.59 33.12
C ASP A 258 0.01 9.62 34.46
N ALA A 259 -0.61 10.28 35.43
CA ALA A 259 -0.05 10.32 36.77
C ALA A 259 -1.08 9.78 37.74
N HIS A 260 -0.71 8.69 38.41
CA HIS A 260 -1.65 7.86 39.15
C HIS A 260 -1.31 7.69 40.64
N ILE A 261 -2.31 7.33 41.42
CA ILE A 261 -2.15 7.07 42.84
C ILE A 261 -2.90 5.77 43.24
N TYR A 262 -2.16 4.74 43.64
CA TYR A 262 -2.80 3.44 43.91
C TYR A 262 -3.67 3.49 45.15
N LEU A 263 -4.77 2.75 45.13
CA LEU A 263 -5.71 2.76 46.25
C LEU A 263 -5.18 1.85 47.36
N ASN A 264 -4.02 1.25 47.08
CA ASN A 264 -3.23 0.55 48.10
C ASN A 264 -2.65 1.55 49.11
N HIS A 265 -2.16 2.67 48.58
CA HIS A 265 -1.59 3.73 49.37
C HIS A 265 -2.51 4.92 49.59
N ILE A 266 -3.74 4.82 49.10
CA ILE A 266 -4.66 5.96 48.99
C ILE A 266 -4.75 6.84 50.23
N ASP A 267 -4.92 6.20 51.39
CA ASP A 267 -5.12 6.92 52.66
C ASP A 267 -3.82 7.40 53.31
N ALA A 268 -2.82 6.53 53.29
CA ALA A 268 -1.53 6.79 53.91
C ALA A 268 -0.85 8.04 53.37
N LEU A 269 -1.25 8.43 52.16
CA LEU A 269 -0.69 9.61 51.52
C LEU A 269 -1.53 10.86 51.74
N LYS A 270 -2.71 10.71 52.32
CA LYS A 270 -3.50 11.90 52.64
C LYS A 270 -3.00 12.47 53.96
N VAL A 271 -2.31 11.64 54.75
CA VAL A 271 -1.62 12.10 55.94
C VAL A 271 -0.18 12.50 55.59
N GLN A 272 0.26 12.10 54.40
CA GLN A 272 1.55 12.51 53.89
C GLN A 272 1.46 13.90 53.28
N LEU A 273 0.27 14.29 52.86
CA LEU A 273 0.09 15.65 52.41
C LEU A 273 -0.19 16.55 53.62
N ALA A 274 -0.58 15.96 54.75
CA ALA A 274 -0.82 16.75 55.96
C ALA A 274 0.46 17.46 56.44
N ARG A 275 1.61 16.81 56.25
CA ARG A 275 2.90 17.40 56.59
C ARG A 275 3.29 18.58 55.70
N SER A 276 3.99 19.56 56.27
CA SER A 276 4.63 20.63 55.49
C SER A 276 6.03 20.17 55.09
N PRO A 277 6.32 20.14 53.78
CA PRO A 277 7.67 19.76 53.34
C PRO A 277 8.81 20.61 53.94
N LYS A 278 9.91 19.95 54.32
CA LYS A 278 11.10 20.62 54.85
C LYS A 278 11.96 21.13 53.68
N PRO A 279 12.85 22.13 53.93
CA PRO A 279 13.59 22.71 52.79
C PRO A 279 14.49 21.69 52.07
N PHE A 280 14.81 21.90 50.79
CA PHE A 280 15.59 20.89 50.04
C PHE A 280 17.07 20.81 50.48
N PRO A 281 17.67 19.58 50.45
CA PRO A 281 19.10 19.42 50.77
C PRO A 281 20.05 19.87 49.65
N CYS A 282 21.36 19.89 49.90
CA CYS A 282 22.29 20.49 48.92
C CYS A 282 23.30 19.53 48.34
N LEU A 283 23.19 19.24 47.05
CA LEU A 283 24.14 18.37 46.40
C LEU A 283 25.46 19.06 46.05
N LYS A 284 26.56 18.38 46.36
CA LYS A 284 27.90 18.82 46.02
C LYS A 284 28.58 17.66 45.29
N ILE A 285 29.51 18.00 44.41
CA ILE A 285 30.32 16.99 43.73
C ILE A 285 31.79 17.25 44.02
N ILE A 286 32.47 16.28 44.61
CA ILE A 286 33.80 16.53 45.22
C ILE A 286 34.98 16.53 44.23
N ARG A 287 35.34 15.35 43.71
CA ARG A 287 36.35 15.21 42.68
C ARG A 287 35.91 15.99 41.42
N ASN A 288 36.86 16.65 40.76
CA ASN A 288 36.57 17.30 39.49
C ASN A 288 36.56 16.26 38.37
N VAL A 289 35.41 16.08 37.73
CA VAL A 289 35.30 15.05 36.71
C VAL A 289 35.09 15.61 35.30
N THR A 290 36.13 15.51 34.47
CA THR A 290 36.03 15.88 33.05
C THR A 290 35.23 14.87 32.22
N ASP A 291 35.05 13.65 32.75
CA ASP A 291 34.38 12.57 32.02
C ASP A 291 33.05 12.22 32.69
N ILE A 292 32.14 11.61 31.94
CA ILE A 292 30.79 11.36 32.44
C ILE A 292 30.59 10.07 33.31
N ASN A 293 31.21 8.93 33.01
CA ASN A 293 31.04 7.85 33.98
C ASN A 293 32.22 7.59 34.92
N ASP A 294 33.27 8.40 34.81
CA ASP A 294 34.32 8.39 35.83
C ASP A 294 33.66 8.59 37.21
N PHE A 295 32.48 9.21 37.22
CA PHE A 295 31.69 9.46 38.43
C PHE A 295 31.45 8.22 39.27
N LYS A 296 31.66 8.34 40.59
CA LYS A 296 31.49 7.23 41.53
C LYS A 296 30.53 7.66 42.63
N TRP A 297 30.00 6.69 43.38
CA TRP A 297 29.11 6.97 44.49
C TRP A 297 29.68 8.01 45.49
N ASP A 298 31.00 8.03 45.60
CA ASP A 298 31.69 8.77 46.64
C ASP A 298 31.85 10.25 46.38
N ASP A 299 31.51 10.67 45.17
CA ASP A 299 31.66 12.07 44.75
C ASP A 299 30.50 12.93 45.24
N PHE A 300 29.49 12.28 45.81
CA PHE A 300 28.24 12.94 46.09
C PHE A 300 27.93 13.05 47.57
N GLN A 301 27.95 14.31 48.00
CA GLN A 301 27.77 14.70 49.39
C GLN A 301 26.46 15.44 49.50
N LEU A 302 25.51 14.92 50.30
CA LEU A 302 24.17 15.52 50.32
C LEU A 302 23.72 16.13 51.66
N ASP A 303 23.73 17.46 51.75
CA ASP A 303 23.60 18.14 53.05
C ASP A 303 22.23 18.72 53.34
N GLY A 304 21.67 18.36 54.49
CA GLY A 304 20.42 18.94 54.94
C GLY A 304 19.19 18.10 54.70
N TYR A 305 19.37 16.79 54.50
CA TYR A 305 18.23 15.94 54.17
C TYR A 305 17.61 15.21 55.37
N ASN A 306 16.41 15.66 55.76
CA ASN A 306 15.72 15.10 56.90
C ASN A 306 14.25 14.81 56.61
N PRO A 307 13.98 13.78 55.79
CA PRO A 307 12.64 13.44 55.32
C PRO A 307 11.71 13.07 56.46
N HIS A 308 10.40 13.04 56.19
CA HIS A 308 9.45 12.66 57.24
C HIS A 308 9.34 11.13 57.42
N PRO A 309 9.24 10.70 58.70
CA PRO A 309 9.26 9.30 59.15
C PRO A 309 8.15 8.44 58.56
N PRO A 310 8.39 7.11 58.46
CA PRO A 310 7.39 6.16 57.98
C PRO A 310 6.06 6.38 58.70
N LEU A 311 4.93 6.34 57.96
CA LEU A 311 3.62 6.64 58.53
C LEU A 311 3.61 8.06 59.09
N GLY B 33 -1.28 -31.86 -16.61
CA GLY B 33 -1.10 -31.11 -15.40
C GLY B 33 0.15 -30.24 -15.32
N GLU B 34 0.84 -30.33 -14.19
CA GLU B 34 1.97 -29.46 -13.81
C GLU B 34 3.31 -29.85 -14.42
N LEU B 35 3.36 -31.01 -15.04
CA LEU B 35 4.53 -31.44 -15.79
C LEU B 35 4.50 -30.69 -17.09
N GLN B 36 3.29 -30.49 -17.59
CA GLN B 36 3.04 -29.60 -18.74
C GLN B 36 3.59 -28.17 -18.47
N TYR B 37 3.55 -27.76 -17.20
CA TYR B 37 4.08 -26.50 -16.73
C TYR B 37 5.59 -26.49 -16.54
N LEU B 38 6.14 -27.62 -16.12
CA LEU B 38 7.58 -27.76 -15.91
C LEU B 38 8.38 -27.85 -17.21
N LYS B 39 7.70 -28.17 -18.31
CA LYS B 39 8.35 -28.07 -19.61
C LYS B 39 8.36 -26.62 -20.06
N GLN B 40 7.25 -25.91 -19.80
CA GLN B 40 7.12 -24.50 -20.14
C GLN B 40 8.26 -23.68 -19.49
N VAL B 41 8.45 -23.86 -18.19
CA VAL B 41 9.36 -23.01 -17.42
C VAL B 41 10.83 -23.15 -17.79
N ASP B 42 11.23 -24.31 -18.30
CA ASP B 42 12.61 -24.54 -18.76
C ASP B 42 12.83 -23.95 -20.16
N ASP B 43 11.84 -24.13 -21.04
CA ASP B 43 11.89 -23.63 -22.41
C ASP B 43 12.05 -22.12 -22.42
N ILE B 44 11.67 -21.48 -21.33
CA ILE B 44 11.82 -20.05 -21.18
C ILE B 44 13.27 -19.77 -20.82
N LEU B 45 13.86 -20.67 -20.05
CA LEU B 45 15.24 -20.50 -19.69
C LEU B 45 16.12 -20.93 -20.85
N ARG B 46 15.81 -22.08 -21.42
CA ARG B 46 16.65 -22.61 -22.47
C ARG B 46 16.49 -21.77 -23.74
N TYR B 47 15.26 -21.62 -24.19
CA TYR B 47 15.01 -20.98 -25.48
C TYR B 47 14.63 -19.50 -25.39
N GLY B 48 14.53 -18.98 -24.17
CA GLY B 48 14.16 -17.59 -23.96
C GLY B 48 15.16 -16.54 -24.43
N VAL B 49 14.75 -15.29 -24.35
CA VAL B 49 15.54 -14.20 -24.91
C VAL B 49 15.44 -12.95 -24.07
N ARG B 50 15.92 -11.87 -24.65
CA ARG B 50 16.07 -10.60 -23.97
C ARG B 50 14.73 -10.03 -23.50
N LYS B 51 14.82 -9.14 -22.52
CA LYS B 51 13.70 -8.32 -22.10
C LYS B 51 14.12 -7.37 -21.00
N ARG B 52 13.35 -6.31 -20.84
CA ARG B 52 13.47 -5.35 -19.74
C ARG B 52 12.03 -4.95 -19.42
N ASP B 53 11.79 -4.33 -18.28
CA ASP B 53 10.43 -3.91 -17.99
C ASP B 53 10.25 -2.48 -17.43
N ARG B 54 9.00 -2.19 -17.07
CA ARG B 54 8.53 -0.90 -16.56
C ARG B 54 9.34 -0.38 -15.37
N THR B 55 9.72 -1.30 -14.49
CA THR B 55 10.59 -1.01 -13.36
C THR B 55 12.08 -1.35 -13.63
N GLY B 56 12.37 -1.89 -14.81
CA GLY B 56 13.75 -2.07 -15.24
C GLY B 56 14.40 -3.45 -15.14
N ILE B 57 13.68 -4.43 -14.60
CA ILE B 57 14.24 -5.77 -14.42
C ILE B 57 14.41 -6.56 -15.72
N GLY B 58 15.62 -7.05 -15.97
CA GLY B 58 15.89 -7.94 -17.09
C GLY B 58 15.08 -9.22 -16.95
N THR B 59 14.72 -9.80 -18.10
CA THR B 59 13.80 -10.95 -18.13
C THR B 59 14.10 -11.95 -19.26
N LEU B 60 13.78 -13.23 -19.02
CA LEU B 60 13.74 -14.23 -20.08
C LEU B 60 12.28 -14.53 -20.47
N SER B 61 12.01 -14.48 -21.77
CA SER B 61 10.64 -14.44 -22.24
C SER B 61 10.35 -15.48 -23.30
N LEU B 62 9.06 -15.81 -23.47
CA LEU B 62 8.55 -16.68 -24.54
C LEU B 62 7.13 -16.21 -24.85
N PHE B 63 6.67 -16.48 -26.07
CA PHE B 63 5.38 -15.96 -26.50
C PHE B 63 4.44 -16.98 -27.15
N GLY B 64 3.16 -16.97 -26.76
CA GLY B 64 2.20 -17.87 -27.35
C GLY B 64 2.33 -19.32 -26.92
N MET B 65 2.30 -19.56 -25.60
CA MET B 65 2.22 -20.91 -25.06
C MET B 65 0.81 -21.27 -24.62
N GLN B 66 0.62 -22.49 -24.12
CA GLN B 66 -0.64 -22.88 -23.46
C GLN B 66 -0.51 -24.29 -22.91
N ALA B 67 -1.39 -24.64 -21.98
CA ALA B 67 -1.26 -25.88 -21.25
C ALA B 67 -2.59 -26.29 -20.68
N ARG B 68 -2.72 -27.58 -20.37
CA ARG B 68 -3.99 -28.12 -19.91
C ARG B 68 -3.89 -28.80 -18.54
N TYR B 69 -4.92 -28.59 -17.72
CA TYR B 69 -4.98 -29.11 -16.37
C TYR B 69 -6.32 -29.85 -16.08
N ASN B 70 -6.26 -31.11 -15.66
CA ASN B 70 -7.45 -31.89 -15.42
C ASN B 70 -8.21 -31.37 -14.18
N LEU B 71 -9.50 -31.12 -14.37
CA LEU B 71 -10.37 -30.68 -13.29
C LEU B 71 -11.20 -31.84 -12.74
N ARG B 72 -10.92 -33.06 -13.23
CA ARG B 72 -11.80 -34.19 -12.89
C ARG B 72 -11.29 -34.94 -11.66
N ASN B 73 -12.03 -34.77 -10.58
CA ASN B 73 -11.69 -35.32 -9.27
C ASN B 73 -10.35 -34.89 -8.72
N GLU B 74 -9.80 -33.77 -9.22
CA GLU B 74 -8.66 -33.11 -8.57
C GLU B 74 -8.64 -31.62 -8.93
N PHE B 75 -8.05 -30.85 -8.03
CA PHE B 75 -7.88 -29.43 -8.24
C PHE B 75 -6.43 -29.10 -8.62
N PRO B 76 -6.23 -28.54 -9.80
CA PRO B 76 -4.90 -28.19 -10.26
C PRO B 76 -4.19 -27.13 -9.42
N LEU B 77 -3.90 -27.41 -8.17
CA LEU B 77 -3.22 -26.44 -7.34
C LEU B 77 -1.76 -26.84 -7.20
N LEU B 78 -0.88 -26.02 -7.78
CA LEU B 78 0.52 -26.36 -7.99
C LEU B 78 1.23 -26.80 -6.71
N THR B 79 1.92 -27.93 -6.82
CA THR B 79 2.68 -28.50 -5.72
C THR B 79 4.21 -28.22 -5.57
N THR B 80 4.83 -27.64 -6.59
CA THR B 80 6.27 -27.43 -6.57
C THR B 80 6.69 -26.20 -5.76
N LYS B 81 5.76 -25.27 -5.57
CA LYS B 81 5.90 -24.19 -4.60
C LYS B 81 4.53 -23.97 -3.97
N ARG B 82 4.48 -23.46 -2.74
CA ARG B 82 3.20 -23.25 -2.08
C ARG B 82 2.50 -22.06 -2.70
N VAL B 83 1.25 -22.25 -3.09
CA VAL B 83 0.47 -21.16 -3.67
C VAL B 83 -0.47 -20.70 -2.57
N PHE B 84 -0.66 -19.41 -2.35
CA PHE B 84 -1.44 -19.11 -1.16
C PHE B 84 -2.92 -19.28 -1.46
N TRP B 85 -3.55 -20.21 -0.77
CA TRP B 85 -4.89 -20.67 -1.14
C TRP B 85 -5.90 -19.61 -0.81
N ARG B 86 -5.99 -19.24 0.47
CA ARG B 86 -6.96 -18.25 0.95
C ARG B 86 -7.01 -16.95 0.12
N ALA B 87 -5.88 -16.52 -0.43
CA ALA B 87 -5.87 -15.31 -1.26
C ALA B 87 -6.47 -15.53 -2.65
N VAL B 88 -6.34 -16.75 -3.16
CA VAL B 88 -6.99 -17.08 -4.40
C VAL B 88 -8.49 -16.98 -4.17
N VAL B 89 -9.00 -17.75 -3.20
CA VAL B 89 -10.44 -17.82 -2.93
C VAL B 89 -11.03 -16.46 -2.61
N GLU B 90 -10.28 -15.62 -1.90
CA GLU B 90 -10.82 -14.29 -1.58
C GLU B 90 -10.34 -13.11 -2.46
N GLU B 91 -9.44 -13.35 -3.43
CA GLU B 91 -9.34 -12.43 -4.57
C GLU B 91 -10.43 -12.81 -5.56
N LEU B 92 -10.79 -14.08 -5.58
CA LEU B 92 -11.81 -14.54 -6.52
C LEU B 92 -13.20 -14.24 -6.01
N LEU B 93 -13.43 -14.37 -4.71
CA LEU B 93 -14.73 -14.00 -4.17
C LEU B 93 -14.93 -12.51 -4.32
N TRP B 94 -13.82 -11.82 -4.16
CA TRP B 94 -13.72 -10.39 -4.38
C TRP B 94 -14.23 -9.98 -5.74
N PHE B 95 -13.67 -10.56 -6.80
CA PHE B 95 -14.12 -10.32 -8.17
C PHE B 95 -15.63 -10.48 -8.30
N ILE B 96 -16.12 -11.66 -7.91
CA ILE B 96 -17.53 -12.01 -7.97
C ILE B 96 -18.37 -10.99 -7.23
N ARG B 97 -17.76 -10.33 -6.24
CA ARG B 97 -18.44 -9.26 -5.53
C ARG B 97 -18.60 -8.03 -6.43
N GLY B 98 -17.77 -7.91 -7.45
CA GLY B 98 -17.86 -6.78 -8.36
C GLY B 98 -17.31 -5.54 -7.72
N SER B 99 -16.27 -5.74 -6.92
CA SER B 99 -15.74 -4.69 -6.09
C SER B 99 -14.24 -4.57 -6.26
N THR B 100 -13.75 -3.36 -6.45
CA THR B 100 -12.31 -3.18 -6.40
C THR B 100 -11.97 -2.30 -5.18
N ASP B 101 -11.46 -2.92 -4.12
CA ASP B 101 -10.93 -2.17 -2.98
C ASP B 101 -9.87 -3.01 -2.27
N SER B 102 -8.77 -2.40 -1.85
CA SER B 102 -7.71 -3.16 -1.21
C SER B 102 -8.00 -3.41 0.28
N LYS B 103 -8.88 -2.58 0.87
CA LYS B 103 -9.22 -2.77 2.28
C LYS B 103 -10.23 -3.90 2.42
N GLU B 104 -10.75 -4.38 1.31
CA GLU B 104 -11.63 -5.53 1.38
C GLU B 104 -10.80 -6.78 1.17
N LEU B 105 -9.49 -6.59 1.02
CA LEU B 105 -8.56 -7.70 0.93
C LEU B 105 -7.62 -7.72 2.13
N ALA B 106 -6.85 -6.64 2.31
CA ALA B 106 -5.94 -6.49 3.45
C ALA B 106 -6.57 -6.81 4.81
N ALA B 107 -7.80 -6.33 5.00
CA ALA B 107 -8.54 -6.60 6.22
C ALA B 107 -8.67 -8.11 6.43
N LYS B 108 -8.82 -8.83 5.32
CA LYS B 108 -9.13 -10.25 5.29
C LYS B 108 -7.82 -11.00 5.29
N ASP B 109 -6.77 -10.20 5.52
CA ASP B 109 -5.38 -10.61 5.70
C ASP B 109 -4.64 -10.70 4.37
N ILE B 110 -5.34 -10.49 3.26
CA ILE B 110 -4.72 -10.71 1.95
C ILE B 110 -4.09 -9.42 1.50
N HIS B 111 -2.77 -9.38 1.49
CA HIS B 111 -2.01 -8.13 1.26
C HIS B 111 -1.46 -7.89 -0.15
N ILE B 112 -1.80 -8.77 -1.10
CA ILE B 112 -1.28 -8.68 -2.47
C ILE B 112 -1.64 -7.37 -3.19
N TRP B 113 -2.83 -6.86 -2.95
CA TRP B 113 -3.35 -5.71 -3.67
C TRP B 113 -3.16 -4.35 -2.99
N ASP B 114 -2.46 -4.31 -1.86
CA ASP B 114 -2.31 -3.04 -1.16
C ASP B 114 -1.14 -2.21 -1.69
N ILE B 115 -0.30 -2.78 -2.54
CA ILE B 115 0.75 -1.96 -3.15
C ILE B 115 0.15 -1.11 -4.28
N TYR B 116 -0.97 -1.58 -4.83
CA TYR B 116 -1.77 -0.79 -5.76
C TYR B 116 -2.86 -0.07 -5.00
N GLY B 117 -2.97 -0.39 -3.73
CA GLY B 117 -3.93 0.25 -2.86
C GLY B 117 -3.27 1.25 -1.94
N SER B 118 -2.05 1.68 -2.28
CA SER B 118 -1.32 2.69 -1.48
C SER B 118 -1.31 4.05 -2.16
N SER B 119 -1.68 5.08 -1.39
CA SER B 119 -1.66 6.47 -1.83
C SER B 119 -0.32 6.91 -2.43
N LYS B 120 0.77 6.50 -1.80
CA LYS B 120 2.12 6.73 -2.31
C LYS B 120 2.30 6.27 -3.77
N PHE B 121 1.76 5.11 -4.12
CA PHE B 121 1.79 4.64 -5.51
C PHE B 121 0.71 5.29 -6.39
N LEU B 122 -0.44 5.63 -5.78
CA LEU B 122 -1.55 6.19 -6.54
C LEU B 122 -1.16 7.52 -7.20
N ASN B 123 -0.64 8.45 -6.40
CA ASN B 123 -0.25 9.77 -6.88
C ASN B 123 1.01 9.76 -7.76
N ARG B 124 1.85 8.72 -7.60
CA ARG B 124 3.02 8.57 -8.44
C ARG B 124 2.59 8.53 -9.91
N ASN B 125 1.51 7.81 -10.15
CA ASN B 125 1.04 7.52 -11.49
C ASN B 125 0.13 8.61 -12.05
N GLY B 126 -0.29 9.54 -11.20
CA GLY B 126 -1.28 10.51 -11.63
C GLY B 126 -2.71 10.24 -11.17
N PHE B 127 -2.88 9.38 -10.16
CA PHE B 127 -4.18 9.26 -9.50
C PHE B 127 -4.10 9.89 -8.12
N HIS B 128 -4.90 10.93 -7.88
CA HIS B 128 -4.90 11.59 -6.57
C HIS B 128 -6.31 11.73 -5.99
N LYS B 129 -7.18 12.46 -6.68
CA LYS B 129 -8.41 13.01 -6.14
C LYS B 129 -9.25 11.98 -5.39
N ARG B 130 -9.23 10.72 -5.83
CA ARG B 130 -10.07 9.73 -5.16
C ARG B 130 -9.33 8.92 -4.10
N HIS B 131 -10.02 7.91 -3.56
CA HIS B 131 -9.60 7.24 -2.32
C HIS B 131 -8.36 6.33 -2.43
N THR B 132 -8.03 5.74 -1.28
CA THR B 132 -6.87 4.88 -1.11
C THR B 132 -7.28 3.40 -1.08
N GLY B 133 -6.88 2.68 -2.11
CA GLY B 133 -7.23 1.28 -2.19
C GLY B 133 -8.30 0.86 -3.18
N ASP B 134 -9.13 1.77 -3.71
CA ASP B 134 -10.01 1.32 -4.79
C ASP B 134 -9.25 1.50 -6.12
N LEU B 135 -9.21 0.41 -6.87
CA LEU B 135 -8.19 0.18 -7.89
C LEU B 135 -8.62 0.74 -9.23
N GLY B 136 -9.86 1.18 -9.29
CA GLY B 136 -10.44 1.54 -10.56
C GLY B 136 -11.04 0.31 -11.18
N PRO B 137 -11.58 0.47 -12.39
CA PRO B 137 -12.45 -0.53 -13.06
C PRO B 137 -11.74 -1.78 -13.61
N ILE B 138 -10.95 -2.46 -12.79
CA ILE B 138 -10.23 -3.68 -13.18
C ILE B 138 -11.11 -4.90 -12.91
N TYR B 139 -10.52 -6.10 -12.97
CA TYR B 139 -11.29 -7.34 -13.03
C TYR B 139 -12.39 -7.42 -11.98
N GLY B 140 -13.53 -7.95 -12.39
CA GLY B 140 -14.62 -8.23 -11.48
C GLY B 140 -15.51 -7.03 -11.37
N PHE B 141 -14.95 -5.86 -11.60
CA PHE B 141 -15.80 -4.76 -11.99
C PHE B 141 -16.28 -5.00 -13.42
N GLN B 142 -15.30 -5.21 -14.31
CA GLN B 142 -15.57 -5.47 -15.72
C GLN B 142 -16.46 -6.68 -15.89
N TRP B 143 -16.30 -7.67 -15.01
CA TRP B 143 -17.17 -8.82 -14.98
C TRP B 143 -18.62 -8.45 -14.73
N ARG B 144 -18.88 -7.79 -13.61
N ARG B 144 -18.88 -7.78 -13.61
CA ARG B 144 -20.24 -7.42 -13.24
CA ARG B 144 -20.25 -7.42 -13.27
C ARG B 144 -20.73 -6.15 -13.94
C ARG B 144 -20.74 -6.14 -13.94
N HIS B 145 -19.83 -5.21 -14.19
CA HIS B 145 -20.19 -3.95 -14.85
C HIS B 145 -19.29 -3.66 -16.04
N PHE B 146 -19.85 -3.72 -17.25
CA PHE B 146 -19.09 -3.38 -18.44
C PHE B 146 -19.85 -2.32 -19.18
N GLY B 147 -19.23 -1.16 -19.36
CA GLY B 147 -19.88 -0.03 -20.01
C GLY B 147 -20.35 1.02 -19.02
N ALA B 148 -20.49 0.66 -17.76
CA ALA B 148 -20.75 1.67 -16.74
C ALA B 148 -19.44 2.37 -16.43
N GLU B 149 -19.50 3.66 -16.10
CA GLU B 149 -18.26 4.37 -15.78
C GLU B 149 -18.05 4.48 -14.27
N TYR B 150 -16.81 4.24 -13.85
CA TYR B 150 -16.45 4.04 -12.47
C TYR B 150 -16.31 5.33 -11.68
N LYS B 151 -17.04 5.40 -10.57
CA LYS B 151 -16.96 6.50 -9.59
C LYS B 151 -16.15 6.04 -8.38
N ASP B 152 -16.80 5.24 -7.54
CA ASP B 152 -16.17 4.73 -6.32
C ASP B 152 -16.62 3.32 -6.05
N CYS B 153 -16.07 2.69 -5.02
CA CYS B 153 -16.50 1.34 -4.68
C CYS B 153 -17.74 1.40 -3.80
N GLN B 154 -17.96 2.58 -3.23
CA GLN B 154 -19.08 2.84 -2.32
C GLN B 154 -20.29 3.40 -3.05
N SER B 155 -20.20 3.48 -4.38
CA SER B 155 -21.30 4.00 -5.20
C SER B 155 -22.36 2.94 -5.49
N ASN B 156 -23.36 3.29 -6.31
CA ASN B 156 -24.40 2.33 -6.65
C ASN B 156 -24.13 1.76 -8.05
N TYR B 157 -23.65 0.52 -8.08
CA TYR B 157 -23.30 -0.15 -9.34
C TYR B 157 -24.30 -1.20 -9.90
N LEU B 158 -25.39 -1.46 -9.18
CA LEU B 158 -26.37 -2.44 -9.66
C LEU B 158 -27.11 -1.91 -10.89
N GLN B 159 -27.46 -2.82 -11.80
CA GLN B 159 -28.18 -2.51 -13.04
C GLN B 159 -27.31 -1.77 -14.04
N GLN B 160 -26.11 -1.40 -13.62
CA GLN B 160 -25.19 -0.63 -14.46
C GLN B 160 -24.28 -1.54 -15.25
N GLY B 161 -24.05 -1.19 -16.52
CA GLY B 161 -23.11 -1.95 -17.32
C GLY B 161 -23.64 -3.34 -17.58
N ILE B 162 -22.75 -4.27 -17.91
CA ILE B 162 -23.20 -5.58 -18.34
C ILE B 162 -22.67 -6.65 -17.41
N ASP B 163 -23.49 -7.63 -17.02
CA ASP B 163 -22.96 -8.68 -16.14
C ASP B 163 -22.48 -9.82 -17.02
N GLN B 164 -21.16 -9.97 -17.11
CA GLN B 164 -20.54 -11.01 -17.94
C GLN B 164 -20.51 -12.34 -17.21
N LEU B 165 -20.40 -12.28 -15.88
CA LEU B 165 -20.38 -13.48 -15.07
C LEU B 165 -21.77 -14.11 -14.94
N GLN B 166 -22.82 -13.29 -14.86
CA GLN B 166 -24.17 -13.82 -14.73
C GLN B 166 -24.61 -14.31 -16.08
N THR B 167 -24.13 -13.62 -17.11
CA THR B 167 -24.48 -13.92 -18.47
C THR B 167 -24.18 -15.39 -18.80
N VAL B 168 -23.07 -15.87 -18.27
CA VAL B 168 -22.59 -17.20 -18.58
C VAL B 168 -23.40 -18.30 -17.84
N ILE B 169 -24.05 -17.98 -16.71
CA ILE B 169 -24.82 -18.99 -15.99
C ILE B 169 -26.20 -19.23 -16.61
N ASP B 170 -26.82 -18.14 -17.01
CA ASP B 170 -28.09 -18.19 -17.70
C ASP B 170 -27.91 -19.04 -18.98
N THR B 171 -26.82 -18.78 -19.73
CA THR B 171 -26.50 -19.44 -21.03
C THR B 171 -26.08 -20.92 -20.92
N ILE B 172 -25.69 -21.34 -19.72
CA ILE B 172 -25.48 -22.74 -19.39
C ILE B 172 -26.82 -23.43 -19.11
N LYS B 173 -27.71 -22.66 -18.47
CA LYS B 173 -29.07 -23.12 -18.19
C LYS B 173 -29.88 -23.25 -19.49
N THR B 174 -29.77 -22.23 -20.35
CA THR B 174 -30.57 -22.12 -21.57
C THR B 174 -30.05 -22.96 -22.74
N ASN B 175 -28.87 -22.63 -23.24
CA ASN B 175 -28.27 -23.39 -24.34
C ASN B 175 -26.88 -23.82 -23.96
N PRO B 176 -26.77 -24.91 -23.19
CA PRO B 176 -25.51 -25.41 -22.64
C PRO B 176 -24.47 -25.59 -23.74
N GLU B 177 -24.88 -25.71 -25.00
CA GLU B 177 -23.90 -25.63 -26.09
C GLU B 177 -23.97 -24.23 -26.58
N SER B 178 -22.96 -23.45 -26.24
CA SER B 178 -22.80 -22.14 -26.82
C SER B 178 -21.33 -21.87 -26.91
N ARG B 179 -20.90 -21.38 -28.07
CA ARG B 179 -19.52 -20.94 -28.28
C ARG B 179 -19.40 -19.43 -28.05
N ARG B 180 -20.49 -18.85 -27.58
CA ARG B 180 -20.56 -17.42 -27.34
C ARG B 180 -20.19 -17.01 -25.91
N MET B 181 -20.06 -17.96 -25.00
CA MET B 181 -19.97 -17.62 -23.57
C MET B 181 -18.59 -17.12 -23.23
N ILE B 182 -18.51 -15.86 -22.83
CA ILE B 182 -17.22 -15.27 -22.53
C ILE B 182 -17.35 -14.12 -21.52
N ILE B 183 -16.34 -14.01 -20.66
CA ILE B 183 -16.16 -12.89 -19.76
C ILE B 183 -14.93 -12.06 -20.11
N SER B 184 -15.11 -10.86 -20.62
CA SER B 184 -13.92 -10.10 -20.97
C SER B 184 -13.72 -8.90 -20.11
N SER B 185 -12.51 -8.83 -19.56
CA SER B 185 -12.07 -7.73 -18.71
C SER B 185 -11.46 -6.51 -19.46
N TRP B 186 -11.18 -6.64 -20.77
CA TRP B 186 -10.44 -5.60 -21.52
C TRP B 186 -11.37 -4.53 -22.09
N ASN B 187 -11.17 -3.32 -21.58
CA ASN B 187 -11.93 -2.12 -21.92
C ASN B 187 -11.04 -0.86 -21.94
N PRO B 188 -10.34 -0.60 -23.07
CA PRO B 188 -9.36 0.49 -23.15
C PRO B 188 -9.93 1.84 -22.69
N LYS B 189 -11.24 1.99 -22.75
CA LYS B 189 -11.96 3.14 -22.22
C LYS B 189 -11.70 3.32 -20.72
N ASP B 190 -11.86 2.26 -19.96
CA ASP B 190 -11.69 2.37 -18.53
C ASP B 190 -10.29 1.97 -18.08
N ILE B 191 -9.46 1.50 -19.01
CA ILE B 191 -8.12 0.95 -18.68
C ILE B 191 -7.06 2.01 -18.22
N PRO B 192 -6.91 3.15 -18.93
CA PRO B 192 -6.12 4.16 -18.23
C PRO B 192 -6.72 4.61 -16.88
N LEU B 193 -8.00 4.32 -16.67
CA LEU B 193 -8.60 4.54 -15.36
C LEU B 193 -8.20 3.44 -14.38
N MET B 194 -7.57 2.36 -14.87
CA MET B 194 -7.09 1.26 -14.02
C MET B 194 -5.70 1.57 -13.47
N VAL B 195 -5.44 1.14 -12.24
CA VAL B 195 -4.10 1.28 -11.70
C VAL B 195 -3.20 0.42 -12.60
N LEU B 196 -3.58 -0.85 -12.73
CA LEU B 196 -2.86 -1.81 -13.56
C LEU B 196 -3.82 -2.52 -14.53
N PRO B 197 -3.34 -2.75 -15.77
CA PRO B 197 -4.00 -3.52 -16.84
C PRO B 197 -4.05 -5.03 -16.58
N PRO B 198 -5.12 -5.70 -17.06
CA PRO B 198 -5.34 -7.11 -16.74
C PRO B 198 -4.28 -8.07 -17.30
N CYS B 199 -3.73 -8.94 -16.45
CA CYS B 199 -2.86 -9.99 -16.94
C CYS B 199 -3.71 -11.11 -17.52
N HIS B 200 -4.80 -11.42 -16.82
CA HIS B 200 -5.72 -12.35 -17.41
C HIS B 200 -6.80 -11.46 -17.98
N THR B 201 -6.75 -11.36 -19.31
CA THR B 201 -7.56 -10.40 -20.04
C THR B 201 -8.94 -10.95 -20.24
N LEU B 202 -9.01 -12.28 -20.32
CA LEU B 202 -10.16 -13.00 -20.88
C LEU B 202 -10.45 -14.36 -20.23
N CYS B 203 -11.73 -14.74 -20.28
CA CYS B 203 -12.22 -16.04 -19.85
C CYS B 203 -13.25 -16.61 -20.81
N GLN B 204 -13.06 -17.83 -21.32
CA GLN B 204 -14.14 -18.50 -22.08
C GLN B 204 -14.66 -19.79 -21.40
N PHE B 205 -15.97 -20.02 -21.47
CA PHE B 205 -16.56 -21.21 -20.88
C PHE B 205 -17.10 -22.14 -21.93
N TYR B 206 -16.95 -23.45 -21.66
CA TYR B 206 -17.27 -24.52 -22.61
C TYR B 206 -18.01 -25.64 -21.89
N VAL B 207 -19.23 -25.90 -22.30
CA VAL B 207 -19.96 -27.06 -21.80
C VAL B 207 -20.15 -28.01 -22.93
N ALA B 208 -19.63 -29.21 -22.77
CA ALA B 208 -19.96 -30.26 -23.70
C ALA B 208 -20.03 -31.54 -22.90
N ASN B 209 -20.92 -32.46 -23.30
CA ASN B 209 -20.92 -33.76 -22.68
C ASN B 209 -21.28 -33.56 -21.23
N GLY B 210 -22.12 -32.56 -20.96
CA GLY B 210 -22.44 -32.18 -19.59
C GLY B 210 -21.23 -32.04 -18.69
N GLU B 211 -20.18 -31.44 -19.24
CA GLU B 211 -18.89 -31.31 -18.55
C GLU B 211 -18.36 -29.88 -18.80
N LEU B 212 -17.94 -29.20 -17.74
CA LEU B 212 -17.59 -27.75 -17.84
C LEU B 212 -16.09 -27.44 -17.96
N SER B 213 -15.74 -26.68 -18.98
CA SER B 213 -14.34 -26.44 -19.24
C SER B 213 -14.08 -24.98 -19.53
N CYS B 214 -12.94 -24.49 -19.03
CA CYS B 214 -12.68 -23.08 -19.12
C CYS B 214 -11.26 -22.83 -19.62
N GLN B 215 -11.12 -21.84 -20.50
CA GLN B 215 -9.83 -21.39 -21.01
C GLN B 215 -9.65 -19.90 -20.70
N VAL B 216 -8.61 -19.55 -19.93
CA VAL B 216 -8.31 -18.14 -19.60
C VAL B 216 -7.19 -17.58 -20.49
N TYR B 217 -7.31 -16.32 -20.89
CA TYR B 217 -6.23 -15.71 -21.68
C TYR B 217 -5.31 -14.86 -20.79
N GLN B 218 -4.03 -15.24 -20.73
CA GLN B 218 -3.06 -14.51 -19.95
C GLN B 218 -1.97 -13.89 -20.82
N ARG B 219 -1.94 -12.56 -20.88
CA ARG B 219 -1.08 -11.83 -21.83
C ARG B 219 0.39 -11.73 -21.42
N SER B 220 0.62 -11.45 -20.14
CA SER B 220 1.93 -11.47 -19.52
C SER B 220 1.85 -12.41 -18.34
N GLY B 221 2.78 -13.35 -18.24
CA GLY B 221 2.74 -14.15 -17.05
C GLY B 221 4.07 -14.68 -16.58
N ASP B 222 4.09 -14.90 -15.27
CA ASP B 222 5.28 -15.27 -14.52
C ASP B 222 5.11 -16.68 -14.02
N MET B 223 5.84 -17.62 -14.62
CA MET B 223 5.67 -19.01 -14.28
C MET B 223 6.10 -19.31 -12.86
N GLY B 224 6.89 -18.41 -12.27
CA GLY B 224 7.37 -18.67 -10.93
C GLY B 224 6.47 -18.12 -9.85
N LEU B 225 5.68 -17.11 -10.23
CA LEU B 225 4.99 -16.24 -9.30
C LEU B 225 3.54 -16.05 -9.69
N GLY B 226 3.37 -15.39 -10.84
CA GLY B 226 2.09 -14.90 -11.33
C GLY B 226 1.16 -15.90 -11.97
N VAL B 227 1.73 -16.78 -12.81
CA VAL B 227 0.95 -17.84 -13.47
C VAL B 227 0.29 -18.86 -12.53
N PRO B 228 1.09 -19.54 -11.68
CA PRO B 228 0.44 -20.54 -10.85
C PRO B 228 -0.69 -19.96 -10.04
N PHE B 229 -0.49 -18.80 -9.41
CA PHE B 229 -1.55 -18.17 -8.63
C PHE B 229 -2.84 -18.19 -9.44
N ASN B 230 -2.69 -17.84 -10.72
CA ASN B 230 -3.79 -17.74 -11.68
C ASN B 230 -4.52 -19.06 -11.91
N ILE B 231 -3.76 -20.14 -12.12
CA ILE B 231 -4.33 -21.44 -12.46
C ILE B 231 -5.39 -21.90 -11.45
N ALA B 232 -5.03 -21.93 -10.18
CA ALA B 232 -5.98 -22.26 -9.13
C ALA B 232 -7.04 -21.19 -8.99
N GLY B 233 -6.78 -20.02 -9.56
CA GLY B 233 -7.71 -18.91 -9.50
C GLY B 233 -8.95 -19.19 -10.32
N TYR B 234 -8.74 -19.49 -11.58
CA TYR B 234 -9.85 -19.79 -12.47
C TYR B 234 -10.34 -21.21 -12.22
N ALA B 235 -9.41 -22.12 -11.94
CA ALA B 235 -9.77 -23.50 -11.62
C ALA B 235 -10.91 -23.56 -10.60
N LEU B 236 -10.91 -22.60 -9.66
CA LEU B 236 -11.92 -22.50 -8.62
C LEU B 236 -13.23 -22.01 -9.20
N LEU B 237 -13.11 -21.01 -10.07
CA LEU B 237 -14.26 -20.43 -10.72
C LEU B 237 -15.08 -21.46 -11.48
N THR B 238 -14.40 -22.37 -12.16
CA THR B 238 -15.06 -23.45 -12.91
C THR B 238 -15.88 -24.30 -11.94
N TYR B 239 -15.22 -24.71 -10.87
CA TYR B 239 -15.83 -25.47 -9.78
C TYR B 239 -17.02 -24.71 -9.19
N ILE B 240 -16.90 -23.39 -9.06
CA ILE B 240 -18.02 -22.57 -8.60
C ILE B 240 -19.19 -22.62 -9.58
N VAL B 241 -18.88 -22.49 -10.87
CA VAL B 241 -19.91 -22.38 -11.88
C VAL B 241 -20.62 -23.69 -12.06
N ALA B 242 -19.87 -24.75 -12.28
CA ALA B 242 -20.48 -26.03 -12.49
C ALA B 242 -21.21 -26.45 -11.22
N HIS B 243 -20.91 -25.78 -10.11
CA HIS B 243 -21.61 -26.06 -8.85
C HIS B 243 -23.01 -25.51 -8.89
N VAL B 244 -23.15 -24.32 -9.46
CA VAL B 244 -24.45 -23.68 -9.51
C VAL B 244 -25.31 -24.37 -10.59
N THR B 245 -24.69 -24.72 -11.71
CA THR B 245 -25.42 -25.24 -12.88
C THR B 245 -25.73 -26.76 -12.91
N GLY B 246 -25.35 -27.47 -11.84
CA GLY B 246 -25.40 -28.92 -11.79
C GLY B 246 -24.35 -29.65 -12.62
N LEU B 247 -23.18 -29.07 -12.88
CA LEU B 247 -22.25 -29.68 -13.86
C LEU B 247 -20.91 -30.27 -13.34
N LYS B 248 -20.41 -31.27 -14.07
CA LYS B 248 -19.08 -31.88 -13.88
C LYS B 248 -17.95 -31.02 -14.47
N THR B 249 -16.76 -31.07 -13.87
CA THR B 249 -15.67 -30.23 -14.38
C THR B 249 -14.59 -30.98 -15.15
N GLY B 250 -14.53 -30.84 -16.46
CA GLY B 250 -13.47 -31.48 -17.23
C GLY B 250 -12.05 -30.96 -17.27
N ASP B 251 -11.90 -29.71 -17.69
CA ASP B 251 -10.58 -29.15 -17.93
C ASP B 251 -10.52 -27.65 -17.76
N LEU B 252 -9.33 -27.15 -17.41
CA LEU B 252 -8.96 -25.74 -17.56
C LEU B 252 -7.74 -25.60 -18.47
N ILE B 253 -7.95 -25.02 -19.64
CA ILE B 253 -6.87 -24.74 -20.57
C ILE B 253 -6.19 -23.39 -20.23
N HIS B 254 -4.88 -23.37 -20.00
CA HIS B 254 -4.26 -22.10 -19.61
C HIS B 254 -3.41 -21.44 -20.69
N THR B 255 -3.91 -20.36 -21.28
CA THR B 255 -3.27 -19.84 -22.49
C THR B 255 -2.36 -18.63 -22.28
N MET B 256 -1.09 -18.80 -22.63
CA MET B 256 -0.07 -17.76 -22.42
C MET B 256 0.16 -16.76 -23.57
N GLY B 257 0.23 -15.50 -23.18
CA GLY B 257 0.64 -14.41 -24.03
C GLY B 257 2.14 -14.41 -23.91
N ASP B 258 2.76 -13.25 -23.93
CA ASP B 258 4.15 -13.15 -23.51
C ASP B 258 4.32 -13.75 -22.10
N ALA B 259 5.22 -14.73 -22.00
CA ALA B 259 5.42 -15.50 -20.78
C ALA B 259 6.85 -15.36 -20.33
N HIS B 260 7.04 -15.06 -19.05
CA HIS B 260 8.33 -14.56 -18.57
C HIS B 260 8.64 -14.95 -17.14
N ILE B 261 9.93 -15.10 -16.81
CA ILE B 261 10.35 -14.99 -15.40
C ILE B 261 11.41 -13.92 -15.25
N TYR B 262 11.28 -13.10 -14.21
CA TYR B 262 12.34 -12.17 -13.82
C TYR B 262 13.62 -12.96 -13.58
N LEU B 263 14.74 -12.56 -14.18
CA LEU B 263 15.93 -13.42 -14.04
C LEU B 263 16.52 -13.34 -12.63
N ASN B 264 16.04 -12.40 -11.82
CA ASN B 264 16.47 -12.43 -10.42
C ASN B 264 15.96 -13.74 -9.82
N HIS B 265 14.91 -14.30 -10.43
CA HIS B 265 14.37 -15.59 -10.05
C HIS B 265 14.83 -16.78 -10.89
N ILE B 266 15.67 -16.56 -11.89
CA ILE B 266 16.03 -17.68 -12.76
C ILE B 266 16.74 -18.78 -11.96
N ASP B 267 17.77 -18.42 -11.20
CA ASP B 267 18.47 -19.39 -10.34
C ASP B 267 17.51 -20.02 -9.34
N ALA B 268 16.65 -19.17 -8.78
CA ALA B 268 15.68 -19.53 -7.73
C ALA B 268 14.85 -20.75 -8.08
N LEU B 269 14.20 -20.70 -9.24
CA LEU B 269 13.35 -21.80 -9.66
C LEU B 269 14.07 -22.79 -10.58
N LYS B 270 15.28 -22.50 -11.00
CA LYS B 270 15.98 -23.48 -11.83
C LYS B 270 16.23 -24.74 -11.00
N VAL B 271 16.08 -24.61 -9.68
CA VAL B 271 16.19 -25.76 -8.83
C VAL B 271 14.84 -26.49 -8.81
N GLN B 272 13.79 -25.77 -9.17
CA GLN B 272 12.44 -26.24 -8.92
C GLN B 272 12.01 -27.35 -9.86
N LEU B 273 12.67 -27.47 -11.01
CA LEU B 273 12.41 -28.59 -11.96
C LEU B 273 12.82 -29.93 -11.36
N ALA B 274 13.95 -29.91 -10.64
CA ALA B 274 14.50 -31.09 -9.97
C ALA B 274 13.61 -31.55 -8.81
N ARG B 275 12.63 -30.74 -8.44
CA ARG B 275 11.56 -31.16 -7.53
C ARG B 275 10.38 -31.75 -8.33
N SER B 276 10.09 -33.04 -8.08
CA SER B 276 8.96 -33.69 -8.71
C SER B 276 7.65 -33.16 -8.12
N PRO B 277 6.70 -32.78 -9.00
CA PRO B 277 5.40 -32.33 -8.47
C PRO B 277 4.65 -33.56 -8.00
N LYS B 278 3.70 -33.37 -7.12
CA LYS B 278 3.02 -34.51 -6.55
C LYS B 278 1.56 -34.42 -7.01
N PRO B 279 0.73 -35.40 -6.62
CA PRO B 279 -0.70 -35.28 -6.89
C PRO B 279 -1.32 -33.98 -6.39
N PHE B 280 -2.13 -33.39 -7.26
CA PHE B 280 -2.98 -32.27 -6.88
C PHE B 280 -4.00 -32.74 -5.88
N PRO B 281 -4.32 -31.87 -4.93
CA PRO B 281 -5.37 -32.02 -3.90
C PRO B 281 -6.80 -32.15 -4.42
N CYS B 282 -7.75 -32.27 -3.49
CA CYS B 282 -9.16 -32.41 -3.86
C CYS B 282 -10.03 -31.27 -3.30
N LEU B 283 -10.66 -30.50 -4.18
CA LEU B 283 -11.57 -29.44 -3.76
C LEU B 283 -12.95 -29.99 -3.52
N LYS B 284 -13.59 -29.48 -2.47
CA LYS B 284 -14.94 -29.88 -2.12
C LYS B 284 -15.66 -28.63 -1.63
N ILE B 285 -16.85 -28.40 -2.14
CA ILE B 285 -17.69 -27.36 -1.58
C ILE B 285 -18.75 -28.06 -0.76
N ILE B 286 -18.79 -27.76 0.53
CA ILE B 286 -19.63 -28.46 1.50
C ILE B 286 -21.10 -28.04 1.46
N ARG B 287 -21.38 -26.80 1.85
CA ARG B 287 -22.73 -26.23 1.79
C ARG B 287 -23.29 -26.21 0.36
N ASN B 288 -24.58 -26.45 0.21
CA ASN B 288 -25.18 -26.38 -1.12
C ASN B 288 -25.40 -24.91 -1.47
N VAL B 289 -24.75 -24.44 -2.54
CA VAL B 289 -24.85 -23.00 -2.83
C VAL B 289 -25.47 -22.63 -4.18
N THR B 290 -26.68 -22.06 -4.15
CA THR B 290 -27.39 -21.71 -5.40
C THR B 290 -27.07 -20.32 -5.95
N ASP B 291 -26.41 -19.49 -5.16
CA ASP B 291 -26.08 -18.14 -5.59
C ASP B 291 -24.58 -17.94 -5.72
N ILE B 292 -24.23 -17.06 -6.64
CA ILE B 292 -22.88 -16.84 -7.10
C ILE B 292 -22.06 -15.97 -6.15
N ASN B 293 -22.70 -15.04 -5.46
CA ASN B 293 -21.97 -14.22 -4.51
C ASN B 293 -22.05 -14.80 -3.10
N ASP B 294 -22.79 -15.90 -2.95
CA ASP B 294 -23.00 -16.55 -1.65
C ASP B 294 -21.90 -17.55 -1.27
N PHE B 295 -20.90 -17.70 -2.12
CA PHE B 295 -19.76 -18.53 -1.77
C PHE B 295 -18.83 -17.81 -0.78
N LYS B 296 -18.59 -18.40 0.38
CA LYS B 296 -17.62 -17.84 1.34
C LYS B 296 -16.54 -18.87 1.63
N TRP B 297 -15.56 -18.47 2.43
CA TRP B 297 -14.44 -19.33 2.78
C TRP B 297 -14.82 -20.61 3.53
N ASP B 298 -15.91 -20.55 4.29
CA ASP B 298 -16.35 -21.72 5.05
C ASP B 298 -16.81 -22.87 4.19
N ASP B 299 -17.11 -22.58 2.93
CA ASP B 299 -17.74 -23.57 2.07
C ASP B 299 -16.76 -24.44 1.28
N PHE B 300 -15.47 -24.28 1.50
CA PHE B 300 -14.44 -25.00 0.74
C PHE B 300 -13.55 -25.87 1.61
N GLN B 301 -13.24 -27.08 1.11
CA GLN B 301 -12.30 -27.95 1.82
C GLN B 301 -11.26 -28.54 0.87
N LEU B 302 -9.98 -28.26 1.12
CA LEU B 302 -8.90 -28.69 0.22
C LEU B 302 -8.23 -29.93 0.76
N ASP B 303 -8.46 -31.05 0.09
CA ASP B 303 -7.98 -32.31 0.61
C ASP B 303 -6.61 -32.68 0.08
N GLY B 304 -5.69 -32.86 1.02
CA GLY B 304 -4.34 -33.31 0.75
C GLY B 304 -3.49 -32.37 -0.07
N TYR B 305 -3.42 -31.10 0.31
CA TYR B 305 -2.46 -30.25 -0.37
C TYR B 305 -1.17 -30.29 0.43
N ASN B 306 -0.13 -30.81 -0.21
CA ASN B 306 1.17 -31.02 0.42
C ASN B 306 2.34 -30.43 -0.38
N PRO B 307 2.43 -29.09 -0.46
CA PRO B 307 3.46 -28.45 -1.30
C PRO B 307 4.88 -28.71 -0.83
N HIS B 308 5.86 -28.54 -1.72
CA HIS B 308 7.26 -28.57 -1.30
C HIS B 308 7.55 -27.35 -0.41
N PRO B 309 7.95 -27.59 0.86
CA PRO B 309 8.41 -26.47 1.69
C PRO B 309 9.45 -25.62 0.97
N PRO B 310 9.42 -24.28 1.20
CA PRO B 310 10.14 -23.31 0.36
C PRO B 310 11.64 -23.58 0.21
N LEU B 311 12.12 -23.60 -1.03
CA LEU B 311 13.52 -23.90 -1.34
C LEU B 311 14.03 -25.20 -0.68
N THR C 32 -10.15 29.00 31.24
CA THR C 32 -8.96 29.45 30.50
C THR C 32 -8.65 28.47 29.34
N GLY C 33 -9.51 28.47 28.34
CA GLY C 33 -9.23 27.81 27.07
C GLY C 33 -8.39 28.59 26.06
N GLU C 34 -8.79 29.83 25.82
CA GLU C 34 -8.07 30.74 24.91
C GLU C 34 -6.91 31.47 25.56
N LEU C 35 -7.04 31.74 26.86
CA LEU C 35 -6.14 32.66 27.56
C LEU C 35 -4.91 31.99 28.15
N GLN C 36 -4.81 30.67 28.05
CA GLN C 36 -3.53 30.02 28.28
C GLN C 36 -2.49 30.55 27.30
N TYR C 37 -2.82 30.51 25.99
CA TYR C 37 -1.88 30.94 24.97
C TYR C 37 -1.49 32.37 25.22
N LEU C 38 -2.46 33.21 25.59
CA LEU C 38 -2.23 34.64 25.61
C LEU C 38 -1.17 35.07 26.62
N LYS C 39 -1.25 34.54 27.83
CA LYS C 39 -0.28 34.88 28.86
C LYS C 39 1.01 34.11 28.62
N GLN C 40 0.92 32.96 27.96
CA GLN C 40 2.11 32.19 27.64
C GLN C 40 3.09 33.16 26.97
N VAL C 41 2.62 33.97 26.02
CA VAL C 41 3.50 34.83 25.24
C VAL C 41 3.74 36.22 25.86
N ASP C 42 3.03 36.52 26.95
CA ASP C 42 3.37 37.65 27.77
C ASP C 42 4.50 37.27 28.74
N ASP C 43 4.44 36.03 29.23
CA ASP C 43 5.47 35.46 30.11
C ASP C 43 6.81 35.34 29.40
N ILE C 44 6.75 35.24 28.07
CA ILE C 44 7.93 35.08 27.25
C ILE C 44 8.49 36.46 26.94
N LEU C 45 7.64 37.47 27.17
CA LEU C 45 8.06 38.84 27.02
C LEU C 45 8.58 39.40 28.38
N ARG C 46 7.71 39.50 29.37
CA ARG C 46 8.12 40.11 30.63
C ARG C 46 9.30 39.37 31.22
N TYR C 47 9.17 38.04 31.36
CA TYR C 47 10.15 37.17 32.04
C TYR C 47 11.10 36.43 31.11
N GLY C 48 10.94 36.69 29.81
CA GLY C 48 11.72 36.02 28.77
C GLY C 48 13.18 36.39 28.77
N VAL C 49 14.00 35.41 28.41
CA VAL C 49 15.45 35.43 28.51
C VAL C 49 16.00 35.55 27.11
N ARG C 50 16.86 36.50 26.83
CA ARG C 50 17.48 36.52 25.50
C ARG C 50 18.14 35.18 25.19
N LYS C 51 17.78 34.56 24.08
CA LYS C 51 18.53 33.44 23.53
C LYS C 51 18.73 33.67 22.03
N ARG C 52 19.60 32.89 21.38
CA ARG C 52 19.79 33.07 19.92
C ARG C 52 19.18 31.92 19.09
N ASP C 53 18.45 32.29 18.04
CA ASP C 53 17.85 31.33 17.13
C ASP C 53 18.94 30.62 16.30
N ARG C 54 18.58 29.50 15.66
CA ARG C 54 19.51 28.79 14.80
C ARG C 54 19.71 29.53 13.48
N THR C 55 18.91 30.57 13.21
CA THR C 55 19.16 31.42 12.04
C THR C 55 20.22 32.49 12.34
N GLY C 56 20.31 32.89 13.61
CA GLY C 56 21.10 34.04 14.06
C GLY C 56 20.32 35.22 14.61
N ILE C 57 19.01 35.27 14.37
CA ILE C 57 18.15 36.28 14.99
C ILE C 57 17.79 35.98 16.46
N GLY C 58 17.97 36.96 17.34
CA GLY C 58 17.79 36.75 18.77
C GLY C 58 16.34 36.59 19.16
N THR C 59 16.07 35.73 20.14
CA THR C 59 14.70 35.44 20.57
C THR C 59 14.53 35.56 22.10
N LEU C 60 13.31 35.83 22.56
CA LEU C 60 13.00 35.79 23.96
C LEU C 60 12.55 34.38 24.30
N SER C 61 13.12 33.77 25.34
CA SER C 61 12.89 32.35 25.54
C SER C 61 12.37 31.99 26.90
N LEU C 62 11.64 30.89 26.94
CA LEU C 62 11.08 30.34 28.17
C LEU C 62 10.93 28.82 28.05
N PHE C 63 10.96 28.12 29.18
CA PHE C 63 10.97 26.66 29.17
C PHE C 63 9.79 26.05 29.90
N GLY C 64 9.47 24.84 29.48
CA GLY C 64 8.47 24.04 30.15
C GLY C 64 7.06 24.59 30.18
N MET C 65 6.65 25.30 29.15
CA MET C 65 5.29 25.82 29.15
C MET C 65 4.35 24.62 29.10
N GLN C 66 3.15 24.83 29.62
CA GLN C 66 2.11 23.80 29.65
C GLN C 66 0.73 24.44 29.45
N ALA C 67 0.01 24.01 28.41
CA ALA C 67 -1.36 24.45 28.22
C ALA C 67 -2.29 23.27 28.09
N ARG C 68 -3.56 23.43 28.45
CA ARG C 68 -4.56 22.35 28.27
C ARG C 68 -5.82 22.84 27.57
N TYR C 69 -6.01 22.41 26.33
CA TYR C 69 -7.03 23.03 25.50
C TYR C 69 -8.25 22.13 25.43
N ASN C 70 -9.42 22.71 25.26
CA ASN C 70 -10.64 21.94 25.44
C ASN C 70 -11.33 21.55 24.15
N LEU C 71 -11.33 20.24 23.88
CA LEU C 71 -11.82 19.72 22.61
C LEU C 71 -13.28 19.26 22.67
N ARG C 72 -13.93 19.40 23.83
CA ARG C 72 -15.34 19.09 23.97
C ARG C 72 -16.19 20.21 23.41
N ASN C 73 -17.01 19.91 22.40
CA ASN C 73 -17.99 20.86 21.88
C ASN C 73 -17.37 22.23 21.49
N GLU C 74 -16.06 22.21 21.19
CA GLU C 74 -15.30 23.38 20.83
C GLU C 74 -14.08 22.94 20.04
N PHE C 75 -13.53 23.83 19.23
CA PHE C 75 -12.24 23.54 18.63
C PHE C 75 -11.33 24.75 18.77
N PRO C 76 -10.05 24.49 19.13
CA PRO C 76 -9.00 25.45 19.52
C PRO C 76 -8.26 26.10 18.36
N LEU C 77 -9.00 26.65 17.40
CA LEU C 77 -8.39 27.47 16.39
C LEU C 77 -8.39 28.87 16.98
N LEU C 78 -7.21 29.42 17.23
CA LEU C 78 -7.09 30.67 17.96
C LEU C 78 -7.59 31.83 17.12
N THR C 79 -8.43 32.67 17.73
CA THR C 79 -9.08 33.78 16.99
C THR C 79 -8.37 35.09 17.18
N THR C 80 -7.26 35.05 17.87
CA THR C 80 -6.43 36.23 18.04
C THR C 80 -5.72 36.56 16.71
N LYS C 81 -5.26 35.54 16.00
CA LYS C 81 -4.72 35.66 14.64
C LYS C 81 -5.16 34.50 13.75
N ARG C 82 -5.61 34.81 12.54
CA ARG C 82 -6.11 33.80 11.60
C ARG C 82 -5.10 32.70 11.43
N VAL C 83 -5.53 31.49 11.76
CA VAL C 83 -4.75 30.29 11.57
C VAL C 83 -4.89 29.82 10.12
N PHE C 84 -3.92 29.07 9.62
CA PHE C 84 -4.06 28.43 8.30
C PHE C 84 -4.67 27.04 8.51
N TRP C 85 -5.94 26.90 8.16
CA TRP C 85 -6.71 25.68 8.37
C TRP C 85 -6.50 24.63 7.27
N ARG C 86 -6.42 25.09 6.02
CA ARG C 86 -6.11 24.21 4.90
C ARG C 86 -4.78 23.47 5.18
N ALA C 87 -3.72 24.19 5.55
CA ALA C 87 -2.38 23.56 5.75
C ALA C 87 -2.40 22.50 6.83
N VAL C 88 -3.07 22.80 7.93
CA VAL C 88 -3.06 21.92 9.10
C VAL C 88 -3.68 20.56 8.76
N VAL C 89 -4.82 20.60 8.07
CA VAL C 89 -5.58 19.39 7.78
C VAL C 89 -4.85 18.50 6.83
N GLU C 90 -4.50 19.09 5.70
CA GLU C 90 -3.81 18.38 4.62
C GLU C 90 -2.35 18.03 4.98
N GLU C 91 -1.83 18.62 6.06
CA GLU C 91 -0.53 18.17 6.50
C GLU C 91 -0.71 16.94 7.35
N LEU C 92 -1.76 16.92 8.15
CA LEU C 92 -1.99 15.76 8.99
C LEU C 92 -2.32 14.55 8.13
N LEU C 93 -3.18 14.74 7.14
CA LEU C 93 -3.58 13.63 6.29
C LEU C 93 -2.39 13.13 5.49
N TRP C 94 -1.37 13.98 5.41
CA TRP C 94 -0.10 13.68 4.78
C TRP C 94 0.79 12.91 5.76
N PHE C 95 0.72 13.30 7.04
CA PHE C 95 1.33 12.53 8.13
C PHE C 95 0.70 11.15 8.24
N ILE C 96 -0.62 11.12 8.38
CA ILE C 96 -1.40 9.89 8.58
C ILE C 96 -1.26 8.83 7.50
N ARG C 97 -1.35 9.24 6.24
CA ARG C 97 -1.27 8.29 5.13
C ARG C 97 0.12 7.62 5.01
N GLY C 98 1.09 8.14 5.74
CA GLY C 98 2.41 7.54 5.76
C GLY C 98 3.14 7.99 4.55
N SER C 99 2.78 9.17 4.04
CA SER C 99 3.47 9.77 2.90
C SER C 99 4.48 10.84 3.30
N THR C 100 5.68 10.76 2.72
CA THR C 100 6.68 11.80 2.86
C THR C 100 7.03 12.37 1.50
N ASP C 101 6.72 13.65 1.29
CA ASP C 101 7.08 14.35 0.06
C ASP C 101 6.69 15.81 0.10
N SER C 102 7.37 16.61 -0.70
CA SER C 102 7.07 18.03 -0.84
C SER C 102 5.94 18.23 -1.83
N LYS C 103 5.94 17.39 -2.86
CA LYS C 103 4.96 17.50 -3.95
C LYS C 103 3.54 17.28 -3.46
N GLU C 104 3.34 16.24 -2.66
CA GLU C 104 1.99 15.84 -2.26
C GLU C 104 1.24 16.89 -1.50
N LEU C 105 1.98 17.77 -0.81
CA LEU C 105 1.42 18.98 -0.22
C LEU C 105 1.34 20.10 -1.24
N ALA C 106 2.37 20.17 -2.08
CA ALA C 106 2.39 21.10 -3.19
C ALA C 106 1.16 20.85 -4.05
N ALA C 107 0.91 19.58 -4.35
CA ALA C 107 -0.24 19.17 -5.16
C ALA C 107 -1.56 19.64 -4.54
N LYS C 108 -1.51 19.89 -3.25
CA LYS C 108 -2.66 20.42 -2.54
C LYS C 108 -2.57 21.94 -2.45
N ASP C 109 -1.60 22.50 -3.16
CA ASP C 109 -1.33 23.94 -3.16
C ASP C 109 -1.09 24.38 -1.72
N ILE C 110 -0.38 23.53 -1.00
CA ILE C 110 0.16 23.92 0.28
C ILE C 110 1.66 23.77 0.21
N HIS C 111 2.32 24.92 0.15
CA HIS C 111 3.74 25.01 -0.19
C HIS C 111 4.66 25.15 1.04
N ILE C 112 4.09 25.03 2.24
CA ILE C 112 4.86 25.26 3.46
C ILE C 112 6.06 24.35 3.63
N TRP C 113 6.04 23.17 3.02
CA TRP C 113 7.20 22.29 3.11
C TRP C 113 8.14 22.32 1.90
N ASP C 114 7.73 23.03 0.86
CA ASP C 114 8.37 22.92 -0.44
C ASP C 114 9.71 23.69 -0.49
N ILE C 115 10.03 24.40 0.58
CA ILE C 115 11.28 25.17 0.67
C ILE C 115 12.45 24.22 0.98
N TYR C 116 12.11 23.12 1.65
CA TYR C 116 13.04 22.04 1.95
C TYR C 116 13.23 21.07 0.78
N GLY C 117 12.14 20.58 0.20
CA GLY C 117 12.27 19.81 -1.02
C GLY C 117 12.73 20.80 -2.08
N SER C 118 13.91 20.57 -2.62
CA SER C 118 14.44 21.42 -3.69
C SER C 118 15.56 20.65 -4.36
N SER C 119 15.95 21.07 -5.56
CA SER C 119 17.18 20.55 -6.14
C SER C 119 18.33 21.20 -5.38
N LYS C 120 18.14 22.46 -5.05
CA LYS C 120 19.17 23.24 -4.37
C LYS C 120 19.20 23.01 -2.86
N PHE C 121 18.03 22.98 -2.23
CA PHE C 121 18.01 22.83 -0.78
C PHE C 121 18.69 21.52 -0.42
N LEU C 122 18.15 20.42 -0.92
CA LEU C 122 18.66 19.12 -0.60
C LEU C 122 20.15 19.03 -0.92
N ASN C 123 20.53 19.32 -2.16
CA ASN C 123 21.92 19.13 -2.56
C ASN C 123 22.99 19.90 -1.77
N ARG C 124 22.84 21.22 -1.63
CA ARG C 124 23.89 21.97 -0.97
C ARG C 124 23.73 21.96 0.55
N ASN C 125 22.70 21.26 1.01
CA ASN C 125 22.63 20.86 2.41
C ASN C 125 23.36 19.52 2.55
N GLY C 126 24.01 19.08 1.48
CA GLY C 126 24.77 17.85 1.53
C GLY C 126 23.88 16.63 1.39
N PHE C 127 22.99 16.67 0.43
CA PHE C 127 22.23 15.49 0.05
C PHE C 127 22.75 14.92 -1.27
N HIS C 128 22.63 13.61 -1.45
CA HIS C 128 23.30 12.96 -2.57
C HIS C 128 22.43 12.76 -3.82
N LYS C 129 21.50 11.81 -3.79
CA LYS C 129 20.99 11.27 -5.04
C LYS C 129 19.58 11.72 -5.43
N ARG C 130 18.57 11.37 -4.64
CA ARG C 130 17.17 11.58 -5.04
C ARG C 130 16.87 13.00 -5.51
N HIS C 131 16.27 13.13 -6.70
CA HIS C 131 15.98 14.43 -7.32
C HIS C 131 14.94 15.18 -6.50
N GLY C 133 12.30 14.89 -4.67
CA GLY C 133 12.15 15.87 -3.62
C GLY C 133 11.92 15.28 -2.23
N ASP C 134 12.74 14.30 -1.83
CA ASP C 134 12.53 13.63 -0.56
C ASP C 134 12.78 14.57 0.60
N LEU C 135 12.00 14.40 1.66
CA LEU C 135 12.18 15.19 2.87
C LEU C 135 13.03 14.39 3.87
N GLY C 136 13.34 13.14 3.52
CA GLY C 136 13.96 12.25 4.48
C GLY C 136 12.87 11.52 5.23
N PRO C 137 13.23 10.83 6.34
CA PRO C 137 12.27 10.08 7.16
C PRO C 137 11.51 10.95 8.15
N ILE C 138 10.87 12.00 7.64
CA ILE C 138 10.25 13.02 8.45
C ILE C 138 8.99 12.45 9.13
N TYR C 139 8.23 13.28 9.85
CA TYR C 139 7.02 12.81 10.50
C TYR C 139 6.14 12.03 9.55
N GLY C 140 5.53 10.96 10.04
CA GLY C 140 4.56 10.24 9.22
C GLY C 140 5.27 9.12 8.51
N PHE C 141 6.58 9.25 8.37
CA PHE C 141 7.39 8.07 8.18
C PHE C 141 7.47 7.43 9.57
N GLN C 142 8.05 8.19 10.50
CA GLN C 142 8.27 7.73 11.86
C GLN C 142 7.01 7.42 12.65
N TRP C 143 5.83 7.66 12.09
CA TRP C 143 4.55 7.23 12.69
C TRP C 143 4.21 5.83 12.25
N ARG C 144 4.03 5.65 10.94
CA ARG C 144 3.67 4.35 10.38
C ARG C 144 4.86 3.41 10.15
N HIS C 145 6.06 3.93 9.94
CA HIS C 145 7.24 3.07 9.68
C HIS C 145 8.48 3.44 10.52
N PHE C 146 8.91 2.58 11.42
CA PHE C 146 9.95 2.98 12.38
C PHE C 146 11.16 2.08 12.42
N GLY C 147 12.29 2.63 11.99
CA GLY C 147 13.52 1.86 11.88
C GLY C 147 13.69 1.27 10.49
N ALA C 148 12.68 1.45 9.67
CA ALA C 148 12.75 1.05 8.26
C ALA C 148 13.88 1.84 7.58
N GLU C 149 14.76 1.14 6.85
CA GLU C 149 15.83 1.81 6.09
C GLU C 149 15.21 2.71 5.00
N TYR C 150 15.71 3.94 4.91
CA TYR C 150 15.14 4.90 3.98
C TYR C 150 15.97 5.02 2.72
N LYS C 151 15.36 4.69 1.58
CA LYS C 151 15.96 4.90 0.27
C LYS C 151 15.42 6.21 -0.26
N ASP C 152 14.16 6.22 -0.66
CA ASP C 152 13.55 7.44 -1.20
C ASP C 152 12.07 7.47 -0.96
N CYS C 153 11.49 8.65 -1.19
CA CYS C 153 10.10 8.94 -0.88
C CYS C 153 9.12 7.85 -1.32
N GLN C 154 9.01 7.70 -2.63
CA GLN C 154 7.92 6.99 -3.25
C GLN C 154 8.20 5.49 -3.44
N SER C 155 9.31 5.00 -2.88
CA SER C 155 9.45 3.57 -2.65
C SER C 155 8.56 3.19 -1.46
N ASN C 156 7.60 2.31 -1.69
CA ASN C 156 6.59 2.05 -0.68
C ASN C 156 7.05 1.07 0.42
N TYR C 157 6.87 1.53 1.66
CA TYR C 157 7.39 0.90 2.87
C TYR C 157 6.39 0.00 3.58
N LEU C 158 5.25 -0.27 2.95
CA LEU C 158 4.18 -1.05 3.59
C LEU C 158 4.71 -2.35 4.21
N GLN C 159 4.23 -2.61 5.42
CA GLN C 159 4.72 -3.69 6.28
C GLN C 159 6.21 -3.56 6.59
N GLN C 160 6.72 -2.32 6.59
CA GLN C 160 8.06 -2.06 7.14
C GLN C 160 7.98 -1.24 8.42
N GLY C 161 9.01 -1.39 9.25
CA GLY C 161 9.10 -0.66 10.49
C GLY C 161 7.98 -1.00 11.45
N ILE C 162 7.95 -0.27 12.57
CA ILE C 162 6.86 -0.36 13.54
C ILE C 162 5.92 0.82 13.30
N ASP C 163 4.63 0.53 13.14
CA ASP C 163 3.61 1.56 12.94
C ASP C 163 3.03 1.98 14.27
N GLN C 164 3.36 3.19 14.68
CA GLN C 164 2.85 3.75 15.92
C GLN C 164 1.51 4.36 15.67
N LEU C 165 1.35 4.89 14.46
CA LEU C 165 0.26 5.81 14.14
C LEU C 165 -1.01 5.27 14.76
N GLN C 166 -1.44 4.08 14.32
CA GLN C 166 -2.22 3.27 15.23
C GLN C 166 -1.54 1.96 15.49
N THR C 167 -0.86 1.87 16.62
CA THR C 167 -0.88 0.68 17.42
C THR C 167 -1.79 1.10 18.57
N VAL C 168 -2.18 2.38 18.52
CA VAL C 168 -3.01 2.97 19.56
C VAL C 168 -4.49 2.71 19.32
N ILE C 169 -4.95 2.84 18.07
CA ILE C 169 -6.32 2.45 17.68
C ILE C 169 -6.51 0.98 18.00
N ASP C 170 -5.47 0.22 17.68
CA ASP C 170 -5.38 -1.17 18.08
C ASP C 170 -5.39 -1.28 19.63
N THR C 171 -4.79 -0.30 20.30
CA THR C 171 -4.75 -0.27 21.77
C THR C 171 -6.01 0.28 22.36
N ILE C 172 -6.63 1.23 21.66
CA ILE C 172 -7.69 2.05 22.27
C ILE C 172 -8.88 1.21 22.72
N LYS C 173 -9.36 0.32 21.88
CA LYS C 173 -10.39 -0.56 22.39
C LYS C 173 -9.86 -1.92 22.96
N THR C 174 -8.61 -2.27 22.67
CA THR C 174 -7.95 -3.38 23.38
C THR C 174 -7.81 -3.07 24.88
N ASN C 175 -6.97 -2.08 25.19
CA ASN C 175 -6.78 -1.61 26.57
C ASN C 175 -6.89 -0.08 26.65
N PRO C 176 -8.12 0.44 26.89
CA PRO C 176 -8.40 1.89 26.80
C PRO C 176 -7.57 2.73 27.77
N GLU C 177 -7.50 2.32 29.02
CA GLU C 177 -6.50 2.88 29.90
C GLU C 177 -5.17 2.29 29.44
N SER C 178 -4.11 3.09 29.39
CA SER C 178 -2.77 2.54 29.12
C SER C 178 -1.73 3.63 29.22
N ARG C 179 -0.52 3.22 29.53
CA ARG C 179 0.61 4.13 29.61
C ARG C 179 1.44 4.00 28.35
N ARG C 180 0.96 3.12 27.47
CA ARG C 180 1.76 2.65 26.37
C ARG C 180 1.50 3.34 25.03
N MET C 181 0.49 4.21 24.98
CA MET C 181 -0.05 4.70 23.70
C MET C 181 0.64 5.99 23.28
N ILE C 182 1.58 5.89 22.36
CA ILE C 182 2.58 6.93 22.13
C ILE C 182 3.04 6.91 20.66
N ILE C 183 3.29 8.06 20.07
CA ILE C 183 3.88 8.08 18.74
C ILE C 183 5.12 8.96 18.78
N SER C 184 6.29 8.35 18.59
CA SER C 184 7.59 9.05 18.77
C SER C 184 8.30 9.40 17.48
N SER C 185 8.36 10.69 17.14
CA SER C 185 9.02 11.09 15.90
C SER C 185 10.54 11.05 16.04
N TRP C 186 11.02 10.86 17.27
CA TRP C 186 12.45 10.96 17.49
C TRP C 186 13.13 9.63 17.24
N ASN C 187 13.86 9.55 16.14
CA ASN C 187 14.64 8.36 15.84
C ASN C 187 16.01 8.77 15.39
N PRO C 188 16.93 8.91 16.34
CA PRO C 188 18.16 9.69 16.16
C PRO C 188 19.11 9.16 15.10
N LYS C 189 18.95 7.92 14.67
CA LYS C 189 19.80 7.42 13.62
C LYS C 189 19.34 7.95 12.26
N ASP C 190 18.02 8.08 12.11
CA ASP C 190 17.39 8.58 10.89
C ASP C 190 17.46 10.09 10.78
N ILE C 191 17.82 10.76 11.87
CA ILE C 191 17.73 12.22 11.93
C ILE C 191 18.76 12.96 11.01
N PRO C 192 19.98 12.41 10.83
CA PRO C 192 20.85 12.96 9.76
C PRO C 192 20.30 12.77 8.34
N LEU C 193 19.30 11.88 8.18
CA LEU C 193 18.59 11.69 6.92
C LEU C 193 17.35 12.58 6.75
N MET C 194 16.82 13.13 7.83
CA MET C 194 15.72 14.09 7.72
C MET C 194 16.20 15.43 7.23
N VAL C 195 15.32 16.19 6.59
CA VAL C 195 15.64 17.55 6.25
C VAL C 195 15.67 18.46 7.51
N LEU C 196 14.72 18.27 8.44
CA LEU C 196 14.75 18.90 9.78
C LEU C 196 14.32 17.92 10.91
N PRO C 197 15.03 17.95 12.07
CA PRO C 197 14.52 17.20 13.22
C PRO C 197 13.11 17.66 13.61
N PRO C 198 12.24 16.71 14.02
CA PRO C 198 10.84 17.03 14.36
C PRO C 198 10.73 18.14 15.40
N CYS C 199 9.91 19.15 15.14
CA CYS C 199 9.78 20.25 16.12
C CYS C 199 8.86 19.83 17.24
N HIS C 200 7.79 19.11 16.89
CA HIS C 200 6.99 18.38 17.86
C HIS C 200 7.45 16.93 17.87
N THR C 201 8.04 16.49 18.98
CA THR C 201 8.59 15.15 19.01
C THR C 201 7.56 14.03 19.14
N LEU C 202 6.67 14.06 20.14
CA LEU C 202 5.73 12.94 20.33
C LEU C 202 4.41 13.28 20.97
N CYS C 203 3.47 12.34 20.87
CA CYS C 203 2.15 12.48 21.47
C CYS C 203 1.69 11.21 22.18
N GLN C 204 0.97 11.38 23.29
CA GLN C 204 0.40 10.21 23.91
C GLN C 204 -1.07 10.40 24.27
N PHE C 205 -1.83 9.30 24.27
CA PHE C 205 -3.28 9.38 24.38
C PHE C 205 -3.72 8.74 25.68
N TYR C 206 -4.92 9.10 26.10
CA TYR C 206 -5.44 8.75 27.42
C TYR C 206 -6.95 8.67 27.32
N VAL C 207 -7.51 7.73 28.05
CA VAL C 207 -8.93 7.37 27.95
C VAL C 207 -9.57 7.37 29.32
N ALA C 208 -10.51 8.29 29.54
CA ALA C 208 -11.26 8.31 30.80
C ALA C 208 -12.71 8.70 30.56
N ASN C 209 -13.62 7.97 31.21
CA ASN C 209 -15.07 8.27 31.19
C ASN C 209 -15.69 8.53 29.81
N GLY C 210 -15.20 7.85 28.77
CA GLY C 210 -15.76 7.97 27.43
C GLY C 210 -15.25 9.14 26.59
N GLU C 211 -14.04 9.60 26.90
CA GLU C 211 -13.48 10.80 26.29
C GLU C 211 -11.98 10.67 26.07
N LEU C 212 -11.50 11.09 24.90
CA LEU C 212 -10.09 10.94 24.54
C LEU C 212 -9.33 12.25 24.71
N SER C 213 -8.07 12.14 25.15
CA SER C 213 -7.22 13.29 25.33
C SER C 213 -5.76 13.01 24.95
N CYS C 214 -5.21 13.89 24.13
CA CYS C 214 -3.85 13.73 23.62
C CYS C 214 -2.91 14.85 24.10
N GLN C 215 -1.75 14.46 24.62
CA GLN C 215 -0.67 15.42 24.97
C GLN C 215 0.51 15.27 23.98
N VAL C 216 0.94 16.37 23.36
CA VAL C 216 2.07 16.38 22.43
C VAL C 216 3.23 17.21 22.97
N TYR C 217 4.43 16.67 22.93
CA TYR C 217 5.59 17.41 23.42
C TYR C 217 6.26 18.22 22.30
N GLN C 218 6.10 19.54 22.32
CA GLN C 218 6.75 20.42 21.33
C GLN C 218 8.02 21.00 21.90
N ARG C 219 9.16 20.54 21.38
CA ARG C 219 10.46 20.78 21.98
C ARG C 219 10.97 22.20 21.70
N SER C 220 10.53 22.69 20.56
CA SER C 220 10.79 24.04 20.14
C SER C 220 9.43 24.54 19.72
N GLY C 221 9.11 25.76 20.10
CA GLY C 221 7.85 26.23 19.60
C GLY C 221 8.02 27.69 19.34
N ASP C 222 7.20 28.17 18.42
CA ASP C 222 7.23 29.53 17.99
C ASP C 222 5.83 30.03 18.27
N MET C 223 5.71 30.94 19.23
CA MET C 223 4.40 31.40 19.62
C MET C 223 3.68 32.08 18.48
N GLY C 224 4.41 32.53 17.45
CA GLY C 224 3.78 33.27 16.37
C GLY C 224 3.00 32.39 15.44
N LEU C 225 3.66 31.33 15.01
CA LEU C 225 3.21 30.51 13.89
C LEU C 225 3.24 29.04 14.28
N GLY C 226 4.42 28.59 14.67
CA GLY C 226 4.64 27.20 14.95
C GLY C 226 3.59 26.68 15.89
N VAL C 227 3.44 27.33 17.04
CA VAL C 227 2.60 26.83 18.11
C VAL C 227 1.09 26.78 17.79
N PRO C 228 0.46 27.93 17.45
CA PRO C 228 -1.01 27.84 17.29
C PRO C 228 -1.45 26.94 16.16
N PHE C 229 -0.54 26.70 15.22
CA PHE C 229 -0.67 25.69 14.17
C PHE C 229 -0.55 24.30 14.80
N ASN C 230 0.27 24.18 15.83
CA ASN C 230 0.43 22.86 16.43
C ASN C 230 -0.79 22.55 17.22
N ILE C 231 -1.34 23.59 17.83
CA ILE C 231 -2.53 23.41 18.62
C ILE C 231 -3.65 22.98 17.71
N ALA C 232 -3.71 23.55 16.51
CA ALA C 232 -4.76 23.13 15.61
C ALA C 232 -4.51 21.69 15.22
N GLY C 233 -3.27 21.43 14.82
CA GLY C 233 -2.87 20.12 14.32
C GLY C 233 -3.09 18.93 15.25
N TYR C 234 -2.66 19.06 16.49
CA TYR C 234 -2.84 17.93 17.37
C TYR C 234 -4.27 17.84 17.92
N ALA C 235 -4.95 18.98 18.04
CA ALA C 235 -6.36 18.99 18.46
C ALA C 235 -7.24 18.30 17.47
N LEU C 236 -6.83 18.39 16.20
CA LEU C 236 -7.58 17.83 15.09
C LEU C 236 -7.45 16.29 15.17
N LEU C 237 -6.22 15.87 15.46
CA LEU C 237 -5.85 14.48 15.54
C LEU C 237 -6.70 13.68 16.52
N THR C 238 -7.16 14.32 17.60
CA THR C 238 -8.03 13.62 18.53
C THR C 238 -9.43 13.52 17.91
N TYR C 239 -9.87 14.62 17.33
CA TYR C 239 -11.20 14.69 16.72
C TYR C 239 -11.42 13.57 15.72
N ILE C 240 -10.34 13.18 15.04
CA ILE C 240 -10.40 12.03 14.18
C ILE C 240 -10.73 10.79 14.99
N VAL C 241 -9.87 10.48 15.94
CA VAL C 241 -9.98 9.23 16.65
C VAL C 241 -11.26 9.25 17.49
N ALA C 242 -11.81 10.44 17.70
CA ALA C 242 -13.09 10.63 18.42
C ALA C 242 -14.26 9.81 17.88
N HIS C 243 -14.70 10.12 16.66
CA HIS C 243 -15.79 9.39 16.05
C HIS C 243 -15.32 8.03 15.50
N VAL C 244 -14.02 7.89 15.32
CA VAL C 244 -13.47 6.61 14.88
C VAL C 244 -13.74 5.54 15.94
N THR C 245 -13.33 5.87 17.16
CA THR C 245 -13.43 5.01 18.33
C THR C 245 -14.69 5.24 19.17
N GLY C 246 -15.60 6.06 18.66
CA GLY C 246 -16.91 6.27 19.28
C GLY C 246 -16.75 7.17 20.47
N LEU C 247 -15.49 7.39 20.85
CA LEU C 247 -15.08 8.18 22.02
C LEU C 247 -15.29 9.67 21.79
N LYS C 248 -15.81 10.38 22.79
CA LYS C 248 -15.90 11.82 22.62
C LYS C 248 -14.53 12.38 22.83
N THR C 249 -14.42 13.69 22.87
CA THR C 249 -13.14 14.36 22.97
C THR C 249 -12.96 15.03 24.31
N GLY C 250 -12.00 14.59 25.11
CA GLY C 250 -11.74 15.30 26.34
C GLY C 250 -11.06 16.67 26.25
N ASP C 251 -9.84 16.69 25.75
CA ASP C 251 -8.90 17.78 25.99
C ASP C 251 -7.62 17.60 25.21
N LEU C 252 -6.85 18.68 25.10
CA LEU C 252 -5.54 18.66 24.46
C LEU C 252 -4.52 19.39 25.31
N ILE C 253 -3.49 18.66 25.72
CA ILE C 253 -2.39 19.21 26.48
C ILE C 253 -1.20 19.50 25.56
N HIS C 254 -0.89 20.79 25.38
CA HIS C 254 0.22 21.18 24.53
C HIS C 254 1.39 21.58 25.42
N THR C 255 2.40 20.71 25.44
CA THR C 255 3.51 20.87 26.35
C THR C 255 4.67 21.40 25.58
N MET C 256 5.42 22.30 26.19
CA MET C 256 6.44 22.94 25.41
C MET C 256 7.83 22.68 25.97
N GLY C 257 8.77 22.66 25.04
CA GLY C 257 10.18 22.63 25.28
C GLY C 257 10.45 24.09 25.20
N ASP C 258 11.57 24.50 24.61
CA ASP C 258 11.86 25.93 24.46
C ASP C 258 10.72 26.64 23.73
N ALA C 259 10.11 27.59 24.43
CA ALA C 259 9.07 28.43 23.83
C ALA C 259 9.67 29.79 23.57
N HIS C 260 9.47 30.32 22.37
CA HIS C 260 10.15 31.56 22.04
C HIS C 260 9.40 32.50 21.11
N ILE C 261 9.73 33.75 21.30
CA ILE C 261 9.27 34.83 20.47
C ILE C 261 10.47 35.43 19.73
N TYR C 262 10.30 35.66 18.44
CA TYR C 262 11.33 36.34 17.69
C TYR C 262 11.33 37.82 18.03
N LEU C 263 12.51 38.44 18.11
CA LEU C 263 12.61 39.83 18.54
C LEU C 263 11.78 40.80 17.68
N ASN C 264 11.85 40.68 16.36
CA ASN C 264 10.99 41.51 15.49
C ASN C 264 9.50 41.57 15.87
N HIS C 265 8.90 40.40 16.08
CA HIS C 265 7.44 40.30 16.06
C HIS C 265 6.83 40.74 17.40
N ILE C 266 7.69 41.19 18.32
CA ILE C 266 7.24 41.76 19.59
C ILE C 266 6.16 42.84 19.39
N ASP C 267 6.56 43.94 18.79
CA ASP C 267 5.65 45.04 18.55
C ASP C 267 4.49 44.56 17.71
N ALA C 268 4.72 43.54 16.88
CA ALA C 268 3.64 42.93 16.09
C ALA C 268 2.77 41.97 16.92
N LEU C 269 3.37 41.32 17.90
CA LEU C 269 2.61 40.44 18.79
C LEU C 269 1.95 41.23 19.91
N LYS C 270 2.57 42.32 20.31
CA LYS C 270 2.06 43.07 21.44
C LYS C 270 0.69 43.65 21.08
N VAL C 271 0.44 43.91 19.80
CA VAL C 271 -0.88 44.41 19.39
C VAL C 271 -1.86 43.25 19.35
N GLN C 272 -1.32 42.05 19.09
CA GLN C 272 -2.12 40.84 18.97
C GLN C 272 -2.72 40.41 20.32
N LEU C 273 -1.98 40.64 21.41
CA LEU C 273 -2.52 40.43 22.75
C LEU C 273 -3.32 41.64 23.21
N ALA C 274 -3.43 42.64 22.35
CA ALA C 274 -4.18 43.84 22.70
C ALA C 274 -5.64 43.57 22.37
N ARG C 275 -5.84 42.42 21.73
CA ARG C 275 -7.11 42.02 21.16
C ARG C 275 -7.83 41.10 22.10
N SER C 276 -9.14 41.30 22.24
CA SER C 276 -9.98 40.38 23.00
C SER C 276 -10.34 39.21 22.07
N PRO C 277 -9.83 38.02 22.41
CA PRO C 277 -10.05 36.86 21.56
C PRO C 277 -11.51 36.48 21.55
N LYS C 278 -11.96 35.90 20.45
CA LYS C 278 -13.37 35.68 20.24
C LYS C 278 -13.57 34.18 20.31
N PRO C 279 -14.77 33.74 20.73
CA PRO C 279 -15.05 32.35 21.16
C PRO C 279 -14.66 31.27 20.17
N PHE C 280 -14.28 30.11 20.68
CA PHE C 280 -13.81 29.01 19.86
C PHE C 280 -14.85 28.38 18.93
N PRO C 281 -14.44 28.04 17.69
CA PRO C 281 -15.26 27.28 16.76
C PRO C 281 -15.46 25.82 17.20
N CYS C 282 -16.47 25.19 16.61
CA CYS C 282 -16.69 23.75 16.69
C CYS C 282 -16.21 23.08 15.41
N LEU C 283 -15.68 21.87 15.52
CA LEU C 283 -15.38 21.07 14.33
C LEU C 283 -16.44 19.96 14.20
N LYS C 284 -16.79 19.63 12.96
CA LYS C 284 -17.73 18.54 12.67
C LYS C 284 -17.09 17.54 11.69
N ILE C 285 -17.68 16.35 11.62
CA ILE C 285 -17.32 15.38 10.59
C ILE C 285 -18.60 14.85 9.99
N ILE C 286 -18.76 15.03 8.68
CA ILE C 286 -19.93 14.49 7.96
C ILE C 286 -19.76 13.00 7.65
N ARG C 287 -18.58 12.63 7.16
CA ARG C 287 -18.31 11.27 6.75
C ARG C 287 -17.86 10.40 7.93
N ASN C 288 -18.63 9.36 8.20
CA ASN C 288 -18.18 8.35 9.13
C ASN C 288 -17.03 7.60 8.45
N VAL C 289 -15.84 7.62 9.06
CA VAL C 289 -14.65 6.98 8.46
C VAL C 289 -14.09 5.90 9.37
N THR C 290 -14.11 4.66 8.91
CA THR C 290 -13.58 3.56 9.72
C THR C 290 -12.06 3.50 9.65
N ASP C 291 -11.51 3.88 8.50
CA ASP C 291 -10.08 3.76 8.25
C ASP C 291 -9.35 5.08 8.47
N ILE C 292 -8.33 5.03 9.32
CA ILE C 292 -7.59 6.20 9.72
C ILE C 292 -6.88 6.83 8.52
N ASN C 293 -6.58 6.02 7.54
CA ASN C 293 -5.88 6.49 6.35
C ASN C 293 -6.82 7.08 5.32
N ASP C 294 -8.14 6.89 5.47
CA ASP C 294 -9.06 7.24 4.36
C ASP C 294 -9.55 8.69 4.40
N PHE C 295 -9.02 9.49 5.31
CA PHE C 295 -9.52 10.86 5.48
C PHE C 295 -9.11 11.81 4.37
N LYS C 296 -9.93 12.85 4.14
CA LYS C 296 -9.56 14.01 3.32
C LYS C 296 -10.38 15.28 3.62
N TRP C 297 -9.77 16.40 3.26
CA TRP C 297 -10.13 17.74 3.69
C TRP C 297 -11.61 18.11 3.51
N ASP C 298 -12.33 17.38 2.65
CA ASP C 298 -13.74 17.65 2.46
C ASP C 298 -14.58 16.89 3.46
N ASP C 299 -13.93 16.13 4.34
CA ASP C 299 -14.69 15.50 5.41
C ASP C 299 -15.02 16.54 6.47
N PHE C 300 -14.15 17.53 6.55
CA PHE C 300 -14.08 18.41 7.70
C PHE C 300 -14.86 19.70 7.52
N GLN C 301 -15.90 19.83 8.34
CA GLN C 301 -16.72 21.01 8.36
C GLN C 301 -16.52 21.75 9.68
N LEU C 302 -16.21 23.05 9.61
CA LEU C 302 -15.94 23.89 10.78
C LEU C 302 -17.15 24.76 11.03
N ASP C 303 -17.39 25.15 12.27
CA ASP C 303 -18.48 26.08 12.58
C ASP C 303 -18.04 27.38 13.29
N GLY C 304 -18.16 28.50 12.59
CA GLY C 304 -18.00 29.83 13.18
C GLY C 304 -16.62 30.29 13.58
N TYR C 305 -15.69 30.33 12.62
CA TYR C 305 -14.33 30.81 12.91
C TYR C 305 -14.07 32.21 12.36
N ASN C 306 -13.92 33.17 13.24
CA ASN C 306 -13.79 34.55 12.80
C ASN C 306 -12.64 35.27 13.48
N PRO C 307 -11.41 35.00 13.03
CA PRO C 307 -10.24 35.60 13.66
C PRO C 307 -10.13 37.07 13.31
N HIS C 308 -9.12 37.73 13.87
CA HIS C 308 -8.88 39.15 13.63
C HIS C 308 -8.03 39.31 12.39
N PRO C 309 -8.25 40.42 11.65
CA PRO C 309 -7.49 40.69 10.42
C PRO C 309 -6.05 41.11 10.74
N PRO C 310 -5.06 40.61 9.99
CA PRO C 310 -3.69 41.06 10.26
C PRO C 310 -3.42 42.49 9.77
N LEU C 311 -2.16 42.92 9.88
CA LEU C 311 -1.70 44.22 9.36
C LEU C 311 -1.23 44.10 7.90
N THR D 32 7.30 -27.55 -37.61
CA THR D 32 6.07 -28.24 -37.96
C THR D 32 5.18 -27.28 -38.76
N GLY D 33 4.71 -27.75 -39.91
CA GLY D 33 4.05 -26.92 -40.90
C GLY D 33 2.53 -26.81 -40.85
N GLU D 34 1.94 -26.81 -42.04
CA GLU D 34 0.49 -26.90 -42.24
C GLU D 34 -0.13 -28.05 -41.44
N LEU D 35 0.69 -29.08 -41.21
CA LEU D 35 0.27 -30.28 -40.47
C LEU D 35 -0.25 -29.98 -39.10
N GLN D 36 0.26 -28.92 -38.47
CA GLN D 36 -0.22 -28.46 -37.19
C GLN D 36 -1.73 -28.40 -37.25
N TYR D 37 -2.23 -27.73 -38.28
CA TYR D 37 -3.66 -27.58 -38.47
C TYR D 37 -4.25 -28.94 -38.75
N LEU D 38 -3.59 -29.70 -39.63
CA LEU D 38 -4.13 -30.99 -40.04
C LEU D 38 -4.23 -31.91 -38.84
N LYS D 39 -3.21 -31.91 -38.00
CA LYS D 39 -3.25 -32.72 -36.80
C LYS D 39 -4.46 -32.39 -35.95
N GLN D 40 -4.85 -31.11 -35.97
CA GLN D 40 -6.01 -30.66 -35.19
C GLN D 40 -7.29 -31.32 -35.73
N VAL D 41 -7.45 -31.25 -37.05
CA VAL D 41 -8.66 -31.73 -37.69
C VAL D 41 -8.69 -33.24 -37.65
N ASP D 42 -7.52 -33.83 -37.48
CA ASP D 42 -7.39 -35.27 -37.33
C ASP D 42 -7.82 -35.65 -35.93
N ASP D 43 -7.50 -34.75 -35.00
CA ASP D 43 -7.88 -34.92 -33.61
C ASP D 43 -9.38 -34.76 -33.37
N ILE D 44 -10.00 -33.75 -33.93
CA ILE D 44 -11.41 -33.54 -33.62
C ILE D 44 -12.26 -34.68 -34.17
N LEU D 45 -11.84 -35.28 -35.28
CA LEU D 45 -12.56 -36.44 -35.84
C LEU D 45 -12.58 -37.61 -34.84
N ARG D 46 -11.41 -37.98 -34.35
CA ARG D 46 -11.27 -39.09 -33.43
C ARG D 46 -11.56 -38.73 -31.98
N TYR D 47 -10.97 -37.66 -31.49
CA TYR D 47 -11.10 -37.33 -30.09
C TYR D 47 -12.27 -36.37 -29.83
N GLY D 48 -12.99 -36.02 -30.88
CA GLY D 48 -14.11 -35.09 -30.74
C GLY D 48 -15.37 -35.61 -30.06
N VAL D 49 -16.11 -34.71 -29.46
CA VAL D 49 -17.29 -35.05 -28.69
C VAL D 49 -18.52 -34.57 -29.44
N ARG D 50 -19.65 -35.24 -29.23
CA ARG D 50 -20.92 -34.76 -29.78
C ARG D 50 -21.20 -33.34 -29.29
N LYS D 51 -21.45 -32.44 -30.22
CA LYS D 51 -21.94 -31.10 -29.95
C LYS D 51 -22.87 -30.74 -31.10
N ARG D 52 -23.51 -29.56 -31.06
CA ARG D 52 -24.23 -29.06 -32.22
C ARG D 52 -24.09 -27.54 -32.36
N ASP D 53 -24.11 -27.06 -33.61
CA ASP D 53 -23.89 -25.66 -33.96
C ASP D 53 -25.06 -24.78 -33.55
N ARG D 54 -24.94 -23.48 -33.77
CA ARG D 54 -26.07 -22.59 -33.51
C ARG D 54 -27.18 -22.87 -34.52
N THR D 55 -26.84 -23.45 -35.67
CA THR D 55 -27.81 -23.63 -36.75
C THR D 55 -28.60 -24.95 -36.77
N GLY D 56 -28.43 -25.80 -35.78
CA GLY D 56 -29.16 -27.05 -35.76
C GLY D 56 -28.35 -28.19 -36.32
N ILE D 57 -27.35 -27.92 -37.15
CA ILE D 57 -26.51 -29.01 -37.63
C ILE D 57 -25.54 -29.53 -36.56
N GLY D 58 -25.56 -30.84 -36.34
CA GLY D 58 -24.63 -31.47 -35.42
C GLY D 58 -23.15 -31.32 -35.73
N THR D 59 -22.34 -31.39 -34.68
CA THR D 59 -20.94 -30.99 -34.74
C THR D 59 -20.02 -31.92 -33.95
N LEU D 60 -18.79 -32.11 -34.43
CA LEU D 60 -17.79 -32.75 -33.59
C LEU D 60 -16.85 -31.71 -33.00
N SER D 61 -16.79 -31.65 -31.67
CA SER D 61 -16.20 -30.50 -31.01
C SER D 61 -15.05 -30.83 -30.08
N LEU D 62 -14.30 -29.79 -29.74
CA LEU D 62 -13.17 -29.89 -28.83
C LEU D 62 -13.04 -28.58 -28.02
N PHE D 63 -11.95 -28.42 -27.29
CA PHE D 63 -11.66 -27.14 -26.69
C PHE D 63 -10.15 -26.95 -26.52
N GLY D 64 -9.72 -25.69 -26.46
CA GLY D 64 -8.38 -25.37 -26.05
C GLY D 64 -7.26 -25.80 -26.97
N MET D 65 -7.28 -25.34 -28.21
CA MET D 65 -6.16 -25.61 -29.09
C MET D 65 -5.26 -24.40 -29.33
N GLN D 66 -4.16 -24.65 -30.02
CA GLN D 66 -3.24 -23.59 -30.37
C GLN D 66 -2.33 -24.11 -31.48
N ALA D 67 -1.73 -23.21 -32.26
CA ALA D 67 -0.70 -23.60 -33.22
C ALA D 67 0.19 -22.40 -33.52
N ARG D 68 1.43 -22.64 -33.92
CA ARG D 68 2.42 -21.59 -34.19
C ARG D 68 2.80 -21.54 -35.67
N TYR D 69 2.33 -20.56 -36.42
CA TYR D 69 2.65 -20.58 -37.83
C TYR D 69 3.83 -19.64 -38.07
N ASN D 70 4.71 -20.03 -39.00
CA ASN D 70 5.94 -19.32 -39.22
C ASN D 70 5.80 -18.34 -40.35
N LEU D 71 5.90 -17.05 -40.00
CA LEU D 71 5.76 -15.93 -40.94
C LEU D 71 6.99 -15.64 -41.81
N ARG D 72 8.16 -15.66 -41.18
CA ARG D 72 9.38 -15.30 -41.89
C ARG D 72 9.81 -16.38 -42.87
N ASN D 73 9.87 -15.97 -44.15
CA ASN D 73 10.34 -16.76 -45.31
C ASN D 73 9.30 -17.65 -46.02
N GLU D 74 8.08 -17.74 -45.46
CA GLU D 74 6.91 -18.40 -46.10
C GLU D 74 5.62 -17.77 -45.56
N PHE D 75 4.49 -17.94 -46.28
CA PHE D 75 3.17 -17.44 -45.81
C PHE D 75 2.18 -18.56 -45.53
N PRO D 76 1.64 -18.62 -44.30
CA PRO D 76 0.75 -19.70 -43.86
C PRO D 76 -0.66 -19.66 -44.47
N LEU D 77 -0.71 -19.55 -45.79
CA LEU D 77 -1.91 -19.80 -46.57
C LEU D 77 -2.06 -21.31 -46.87
N LEU D 78 -3.14 -21.93 -46.39
CA LEU D 78 -3.19 -23.40 -46.38
C LEU D 78 -3.34 -24.06 -47.76
N THR D 79 -2.43 -24.99 -48.06
CA THR D 79 -2.30 -25.55 -49.40
C THR D 79 -3.03 -26.86 -49.67
N THR D 80 -3.69 -27.43 -48.66
CA THR D 80 -4.46 -28.67 -48.87
C THR D 80 -5.88 -28.42 -49.44
N LYS D 81 -6.52 -27.31 -49.07
CA LYS D 81 -7.78 -26.87 -49.70
C LYS D 81 -7.69 -25.40 -50.06
N ARG D 82 -7.91 -25.05 -51.33
CA ARG D 82 -7.72 -23.66 -51.81
C ARG D 82 -8.45 -22.60 -50.96
N VAL D 83 -7.75 -21.49 -50.66
CA VAL D 83 -8.26 -20.47 -49.74
C VAL D 83 -8.64 -19.18 -50.50
N PHE D 84 -9.56 -18.40 -49.96
CA PHE D 84 -9.99 -17.19 -50.66
C PHE D 84 -9.21 -15.94 -50.23
N TRP D 85 -8.30 -15.53 -51.11
CA TRP D 85 -7.27 -14.53 -50.82
C TRP D 85 -7.81 -13.12 -50.95
N ARG D 86 -8.33 -12.79 -52.13
CA ARG D 86 -8.86 -11.47 -52.38
C ARG D 86 -9.96 -11.05 -51.40
N ALA D 87 -10.57 -12.00 -50.69
CA ALA D 87 -11.51 -11.72 -49.58
C ALA D 87 -10.83 -11.52 -48.25
N VAL D 88 -9.81 -12.32 -47.98
CA VAL D 88 -8.95 -12.14 -46.80
C VAL D 88 -8.43 -10.72 -46.73
N VAL D 89 -7.86 -10.28 -47.85
CA VAL D 89 -7.18 -9.00 -47.99
C VAL D 89 -8.11 -7.83 -47.68
N GLU D 90 -9.23 -7.77 -48.39
CA GLU D 90 -10.12 -6.61 -48.29
C GLU D 90 -10.95 -6.59 -47.02
N GLU D 91 -11.50 -7.73 -46.64
CA GLU D 91 -12.20 -7.84 -45.37
C GLU D 91 -11.27 -7.32 -44.27
N LEU D 92 -9.98 -7.67 -44.35
CA LEU D 92 -9.00 -7.15 -43.40
C LEU D 92 -8.84 -5.63 -43.58
N LEU D 93 -8.71 -5.14 -44.81
CA LEU D 93 -8.52 -3.71 -45.02
C LEU D 93 -9.76 -2.90 -44.67
N TRP D 94 -10.91 -3.54 -44.88
CA TRP D 94 -12.21 -2.98 -44.55
C TRP D 94 -12.47 -3.18 -43.06
N PHE D 95 -11.69 -4.06 -42.45
CA PHE D 95 -11.66 -4.12 -41.01
C PHE D 95 -10.90 -2.92 -40.53
N ILE D 96 -9.68 -2.78 -41.07
CA ILE D 96 -8.71 -1.76 -40.69
C ILE D 96 -9.29 -0.36 -40.75
N ARG D 97 -10.01 -0.04 -41.81
CA ARG D 97 -10.56 1.29 -41.95
C ARG D 97 -11.78 1.44 -41.04
N GLY D 98 -12.12 0.38 -40.31
CA GLY D 98 -13.15 0.47 -39.31
C GLY D 98 -14.50 0.64 -39.96
N SER D 99 -14.68 -0.06 -41.08
CA SER D 99 -15.88 0.11 -41.86
C SER D 99 -16.90 -0.95 -41.47
N THR D 100 -18.12 -0.52 -41.20
CA THR D 100 -19.20 -1.42 -40.77
C THR D 100 -20.15 -1.80 -41.92
N ASP D 101 -19.87 -1.30 -43.12
CA ASP D 101 -20.76 -1.45 -44.28
C ASP D 101 -20.42 -2.66 -45.15
N SER D 102 -21.39 -3.56 -45.29
CA SER D 102 -21.15 -4.83 -45.98
C SER D 102 -21.04 -4.58 -47.44
N LYS D 103 -21.40 -3.37 -47.86
CA LYS D 103 -21.37 -3.07 -49.27
C LYS D 103 -19.92 -2.81 -49.72
N GLU D 104 -19.10 -2.22 -48.85
CA GLU D 104 -17.70 -1.94 -49.21
C GLU D 104 -17.01 -3.22 -49.71
N LEU D 105 -17.39 -4.35 -49.15
CA LEU D 105 -16.94 -5.63 -49.69
C LEU D 105 -17.65 -6.00 -50.97
N ALA D 106 -18.93 -5.64 -51.06
CA ALA D 106 -19.68 -5.97 -52.26
C ALA D 106 -19.05 -5.30 -53.46
N ALA D 107 -18.41 -4.16 -53.24
CA ALA D 107 -17.89 -3.33 -54.34
C ALA D 107 -16.58 -3.89 -54.91
N LYS D 108 -15.99 -4.84 -54.18
CA LYS D 108 -14.90 -5.70 -54.64
C LYS D 108 -15.42 -7.10 -55.06
N ASP D 109 -16.73 -7.23 -55.21
CA ASP D 109 -17.39 -8.49 -55.61
C ASP D 109 -17.15 -9.55 -54.53
N ILE D 110 -17.16 -9.09 -53.28
CA ILE D 110 -17.03 -9.94 -52.12
C ILE D 110 -18.28 -9.90 -51.24
N HIS D 111 -19.03 -11.00 -51.27
CA HIS D 111 -20.36 -11.07 -50.70
C HIS D 111 -20.42 -11.78 -49.34
N ILE D 112 -19.27 -12.13 -48.78
CA ILE D 112 -19.16 -12.97 -47.57
C ILE D 112 -19.99 -12.51 -46.39
N TRP D 113 -20.08 -11.20 -46.21
CA TRP D 113 -20.93 -10.61 -45.18
C TRP D 113 -22.30 -10.23 -45.68
N ASP D 114 -22.47 -10.25 -47.01
CA ASP D 114 -23.65 -9.65 -47.65
C ASP D 114 -24.92 -10.32 -47.17
N ILE D 115 -24.83 -11.61 -46.90
CA ILE D 115 -25.97 -12.36 -46.46
C ILE D 115 -26.37 -11.93 -45.07
N TYR D 116 -25.40 -11.40 -44.33
CA TYR D 116 -25.67 -10.80 -43.02
C TYR D 116 -26.08 -9.32 -43.15
N GLY D 117 -25.83 -8.72 -44.30
CA GLY D 117 -26.24 -7.34 -44.53
C GLY D 117 -27.64 -7.34 -45.09
N SER D 118 -28.21 -8.54 -45.19
CA SER D 118 -29.45 -8.79 -45.90
C SER D 118 -30.62 -8.05 -45.31
N SER D 119 -31.54 -7.71 -46.20
CA SER D 119 -32.73 -6.94 -45.87
C SER D 119 -33.64 -7.77 -44.99
N LYS D 120 -33.74 -9.05 -45.32
CA LYS D 120 -34.51 -10.00 -44.53
C LYS D 120 -33.75 -10.33 -43.25
N PHE D 121 -32.43 -10.40 -43.34
CA PHE D 121 -31.62 -10.74 -42.18
C PHE D 121 -31.73 -9.64 -41.13
N LEU D 122 -31.82 -8.39 -41.58
CA LEU D 122 -31.91 -7.28 -40.65
C LEU D 122 -33.33 -7.15 -40.12
N ASN D 123 -34.31 -7.76 -40.78
CA ASN D 123 -35.69 -7.78 -40.25
C ASN D 123 -35.90 -8.88 -39.22
N ARG D 124 -35.02 -9.89 -39.21
CA ARG D 124 -35.17 -11.00 -38.28
C ARG D 124 -35.05 -10.49 -36.84
N ASN D 125 -34.11 -9.57 -36.59
CA ASN D 125 -33.93 -8.97 -35.26
C ASN D 125 -34.45 -7.53 -35.25
N GLY D 126 -35.05 -7.13 -36.37
CA GLY D 126 -35.76 -5.84 -36.41
C GLY D 126 -34.80 -4.68 -36.46
N PHE D 127 -33.82 -4.84 -37.34
CA PHE D 127 -32.83 -3.85 -37.70
C PHE D 127 -33.37 -3.02 -38.89
N HIS D 128 -34.66 -3.14 -39.12
CA HIS D 128 -35.39 -2.29 -40.07
C HIS D 128 -35.08 -0.80 -39.81
N LYS D 129 -34.79 -0.45 -38.56
CA LYS D 129 -34.38 0.92 -38.20
C LYS D 129 -33.09 1.29 -38.94
N ARG D 130 -32.33 0.27 -39.33
CA ARG D 130 -30.97 0.47 -39.81
C ARG D 130 -30.89 0.52 -41.34
N HIS D 131 -30.02 1.40 -41.84
CA HIS D 131 -29.69 1.51 -43.26
C HIS D 131 -29.20 0.16 -43.80
N THR D 132 -29.68 -0.25 -44.97
CA THR D 132 -29.37 -1.58 -45.50
C THR D 132 -27.86 -1.85 -45.54
N GLY D 133 -27.44 -3.01 -45.03
CA GLY D 133 -26.04 -3.41 -45.08
C GLY D 133 -25.22 -3.07 -43.85
N ASP D 134 -25.74 -2.16 -43.03
CA ASP D 134 -25.09 -1.85 -41.77
C ASP D 134 -25.04 -3.09 -40.92
N LEU D 135 -23.83 -3.45 -40.50
CA LEU D 135 -23.64 -4.69 -39.77
C LEU D 135 -23.72 -4.49 -38.24
N GLY D 136 -23.70 -3.24 -37.79
CA GLY D 136 -23.65 -2.96 -36.36
C GLY D 136 -22.20 -2.85 -35.96
N PRO D 137 -21.89 -2.44 -34.72
CA PRO D 137 -20.47 -2.19 -34.46
C PRO D 137 -19.58 -3.42 -34.58
N ILE D 138 -19.35 -3.99 -35.76
CA ILE D 138 -18.62 -5.27 -35.83
C ILE D 138 -17.13 -5.11 -35.55
N TYR D 139 -16.39 -6.21 -35.71
CA TYR D 139 -14.99 -6.26 -35.27
C TYR D 139 -14.30 -5.02 -35.83
N GLY D 140 -14.43 -4.79 -37.14
CA GLY D 140 -13.75 -3.68 -37.80
C GLY D 140 -13.90 -2.31 -37.16
N PHE D 141 -15.02 -2.07 -36.49
CA PHE D 141 -15.28 -0.82 -35.76
C PHE D 141 -14.62 -0.76 -34.39
N GLN D 142 -14.65 -1.89 -33.69
CA GLN D 142 -14.04 -1.95 -32.39
C GLN D 142 -12.56 -1.59 -32.45
N TRP D 143 -11.83 -2.11 -33.44
CA TRP D 143 -10.41 -1.74 -33.63
C TRP D 143 -10.16 -0.26 -33.56
N ARG D 144 -10.77 0.48 -34.48
CA ARG D 144 -10.54 1.90 -34.68
C ARG D 144 -11.27 2.83 -33.73
N HIS D 145 -12.52 2.50 -33.41
CA HIS D 145 -13.25 3.24 -32.41
C HIS D 145 -13.90 2.31 -31.40
N PHE D 146 -13.38 2.29 -30.18
CA PHE D 146 -13.81 1.28 -29.22
C PHE D 146 -14.68 1.88 -28.12
N GLY D 147 -15.87 1.31 -27.92
CA GLY D 147 -16.74 1.76 -26.84
C GLY D 147 -17.22 3.16 -27.12
N ALA D 148 -17.20 3.52 -28.40
CA ALA D 148 -17.67 4.82 -28.84
C ALA D 148 -19.17 4.78 -29.02
N GLU D 149 -19.75 5.91 -29.40
CA GLU D 149 -21.18 5.98 -29.65
C GLU D 149 -21.43 5.74 -31.13
N TYR D 150 -21.98 4.57 -31.46
CA TYR D 150 -22.22 4.19 -32.84
C TYR D 150 -23.63 4.55 -33.26
N LYS D 151 -23.78 4.94 -34.52
CA LYS D 151 -25.08 5.27 -35.08
C LYS D 151 -25.33 4.35 -36.27
N ASP D 152 -24.43 4.38 -37.26
CA ASP D 152 -24.60 3.58 -38.47
C ASP D 152 -23.35 3.63 -39.35
N CYS D 153 -23.22 2.66 -40.26
CA CYS D 153 -22.02 2.53 -41.09
C CYS D 153 -21.79 3.75 -41.96
N GLN D 154 -22.87 4.51 -42.15
CA GLN D 154 -22.91 5.76 -42.90
C GLN D 154 -21.94 6.78 -42.33
N SER D 155 -21.95 6.88 -41.00
CA SER D 155 -21.19 7.90 -40.29
C SER D 155 -19.68 7.73 -40.42
N ASN D 156 -18.95 8.82 -40.28
CA ASN D 156 -17.52 8.76 -40.02
C ASN D 156 -17.30 9.20 -38.58
N TYR D 157 -16.79 8.27 -37.79
CA TYR D 157 -16.61 8.41 -36.34
C TYR D 157 -15.22 8.88 -35.93
N LEU D 158 -14.39 9.31 -36.88
CA LEU D 158 -12.99 9.61 -36.57
C LEU D 158 -12.79 10.55 -35.35
N GLN D 159 -11.80 10.15 -34.54
CA GLN D 159 -11.53 10.69 -33.21
C GLN D 159 -12.62 10.36 -32.17
N GLN D 160 -13.19 9.16 -32.27
CA GLN D 160 -14.07 8.65 -31.23
C GLN D 160 -13.56 7.30 -30.75
N GLY D 161 -14.02 6.89 -29.57
CA GLY D 161 -13.64 5.61 -28.99
C GLY D 161 -12.15 5.49 -28.79
N ILE D 162 -11.69 4.28 -28.53
CA ILE D 162 -10.26 4.05 -28.39
C ILE D 162 -9.76 3.35 -29.65
N ASP D 163 -8.66 3.85 -30.20
CA ASP D 163 -8.16 3.34 -31.46
C ASP D 163 -6.99 2.40 -31.26
N GLN D 164 -7.29 1.12 -31.27
CA GLN D 164 -6.40 0.11 -30.71
C GLN D 164 -5.26 -0.25 -31.65
N LEU D 165 -5.53 -0.20 -32.94
CA LEU D 165 -4.50 -0.52 -33.92
C LEU D 165 -3.36 0.52 -33.85
N GLN D 166 -3.71 1.81 -33.91
CA GLN D 166 -2.69 2.85 -33.78
C GLN D 166 -1.97 2.70 -32.43
N THR D 167 -2.73 2.62 -31.34
CA THR D 167 -2.17 2.45 -30.01
C THR D 167 -1.11 1.39 -29.99
N VAL D 168 -1.44 0.27 -30.61
CA VAL D 168 -0.48 -0.79 -30.88
C VAL D 168 0.66 -0.27 -31.73
N ILE D 169 0.34 0.42 -32.83
CA ILE D 169 1.39 0.84 -33.75
C ILE D 169 2.25 1.93 -33.10
N ASP D 170 1.62 2.76 -32.26
CA ASP D 170 2.34 3.76 -31.48
C ASP D 170 3.32 3.03 -30.55
N THR D 171 2.76 2.17 -29.72
CA THR D 171 3.53 1.61 -28.61
C THR D 171 4.60 0.65 -29.09
N ILE D 172 4.64 0.38 -30.38
CA ILE D 172 5.68 -0.51 -30.88
C ILE D 172 7.05 0.19 -31.00
N LYS D 173 7.08 1.45 -31.40
CA LYS D 173 8.37 2.16 -31.34
C LYS D 173 8.70 2.67 -29.95
N THR D 174 7.70 3.17 -29.23
CA THR D 174 7.89 3.64 -27.86
C THR D 174 8.47 2.54 -26.97
N ASN D 175 7.65 1.55 -26.60
CA ASN D 175 8.15 0.41 -25.85
C ASN D 175 7.91 -0.90 -26.58
N PRO D 176 8.87 -1.29 -27.44
CA PRO D 176 8.74 -2.47 -28.31
C PRO D 176 8.30 -3.67 -27.51
N GLU D 177 8.85 -3.73 -26.31
CA GLU D 177 8.48 -4.76 -25.35
C GLU D 177 7.47 -4.19 -24.38
N SER D 178 6.23 -4.57 -24.63
CA SER D 178 5.08 -4.18 -23.87
C SER D 178 4.21 -5.40 -23.91
N ARG D 179 3.70 -5.76 -22.75
CA ARG D 179 2.85 -6.94 -22.65
C ARG D 179 1.39 -6.49 -22.79
N ARG D 180 1.20 -5.20 -23.04
CA ARG D 180 -0.14 -4.65 -23.03
C ARG D 180 -0.79 -4.56 -24.42
N MET D 181 -0.16 -5.11 -25.46
CA MET D 181 -0.56 -4.80 -26.84
C MET D 181 -1.64 -5.73 -27.45
N ILE D 182 -2.86 -5.22 -27.53
CA ILE D 182 -4.05 -6.00 -27.83
C ILE D 182 -5.03 -5.23 -28.67
N ILE D 183 -5.62 -5.89 -29.66
CA ILE D 183 -6.77 -5.31 -30.33
C ILE D 183 -7.94 -6.23 -30.05
N SER D 184 -8.78 -5.83 -29.11
CA SER D 184 -9.90 -6.66 -28.66
C SER D 184 -11.15 -6.41 -29.43
N SER D 185 -11.52 -7.41 -30.21
CA SER D 185 -12.76 -7.36 -30.96
C SER D 185 -13.93 -7.50 -29.99
N TRP D 186 -13.68 -7.77 -28.71
CA TRP D 186 -14.79 -8.10 -27.82
C TRP D 186 -15.22 -6.96 -26.90
N ASN D 187 -16.36 -6.40 -27.30
CA ASN D 187 -17.13 -5.40 -26.61
C ASN D 187 -18.57 -5.92 -26.44
N PRO D 188 -18.86 -6.45 -25.25
CA PRO D 188 -20.14 -6.92 -24.73
C PRO D 188 -21.31 -5.96 -24.92
N LYS D 189 -21.00 -4.67 -24.90
CA LYS D 189 -22.00 -3.59 -24.95
C LYS D 189 -22.49 -3.24 -26.36
N ASP D 190 -21.59 -3.32 -27.35
CA ASP D 190 -21.93 -3.08 -28.75
C ASP D 190 -22.36 -4.38 -29.48
N ILE D 191 -22.23 -5.51 -28.79
CA ILE D 191 -22.60 -6.84 -29.34
C ILE D 191 -24.09 -7.06 -29.55
N PRO D 192 -24.95 -6.54 -28.66
CA PRO D 192 -26.35 -6.75 -29.01
C PRO D 192 -26.71 -5.98 -30.27
N LEU D 193 -25.94 -4.94 -30.58
CA LEU D 193 -26.14 -4.17 -31.80
C LEU D 193 -25.34 -4.70 -33.02
N MET D 194 -24.38 -5.61 -32.79
CA MET D 194 -23.68 -6.30 -33.89
C MET D 194 -24.55 -7.38 -34.54
N VAL D 195 -24.29 -7.68 -35.81
CA VAL D 195 -24.97 -8.79 -36.47
C VAL D 195 -24.46 -10.09 -35.87
N LEU D 196 -23.15 -10.15 -35.62
CA LEU D 196 -22.54 -11.30 -34.96
C LEU D 196 -21.44 -10.95 -33.95
N PRO D 197 -21.46 -11.66 -32.80
CA PRO D 197 -20.33 -11.80 -31.87
C PRO D 197 -19.08 -12.24 -32.60
N PRO D 198 -17.93 -11.66 -32.24
CA PRO D 198 -16.65 -11.97 -32.87
C PRO D 198 -16.13 -13.40 -32.65
N CYS D 199 -15.79 -14.08 -33.75
CA CYS D 199 -15.15 -15.37 -33.64
C CYS D 199 -13.75 -15.17 -33.10
N HIS D 200 -13.03 -14.19 -33.61
CA HIS D 200 -11.79 -13.82 -32.95
C HIS D 200 -12.08 -12.65 -32.05
N THR D 201 -11.85 -12.87 -30.76
CA THR D 201 -12.17 -11.86 -29.75
C THR D 201 -11.01 -10.90 -29.45
N LEU D 202 -9.79 -11.30 -29.82
CA LEU D 202 -8.62 -10.41 -29.77
C LEU D 202 -7.32 -11.07 -30.12
N CYS D 203 -6.30 -10.23 -30.20
CA CYS D 203 -4.94 -10.59 -30.53
C CYS D 203 -3.93 -9.94 -29.58
N GLN D 204 -2.65 -10.25 -29.78
CA GLN D 204 -1.58 -9.63 -29.02
C GLN D 204 -0.35 -9.49 -29.90
N PHE D 205 0.45 -8.46 -29.66
CA PHE D 205 1.71 -8.32 -30.38
C PHE D 205 2.92 -8.38 -29.45
N TYR D 206 4.02 -8.93 -29.99
CA TYR D 206 5.24 -9.24 -29.25
C TYR D 206 6.50 -8.97 -30.09
N VAL D 207 7.42 -8.15 -29.59
CA VAL D 207 8.64 -7.85 -30.35
C VAL D 207 9.90 -8.37 -29.69
N ALA D 208 10.56 -9.32 -30.33
CA ALA D 208 11.85 -9.83 -29.84
C ALA D 208 12.85 -9.95 -30.97
N ASN D 209 14.12 -9.66 -30.67
CA ASN D 209 15.22 -9.87 -31.61
C ASN D 209 14.99 -9.22 -33.00
N GLY D 210 14.21 -8.13 -33.03
CA GLY D 210 13.88 -7.41 -34.26
C GLY D 210 12.71 -7.98 -35.05
N GLU D 211 11.91 -8.82 -34.39
CA GLU D 211 10.86 -9.57 -35.08
C GLU D 211 9.51 -9.40 -34.41
N LEU D 212 8.46 -9.31 -35.22
CA LEU D 212 7.12 -9.15 -34.68
C LEU D 212 6.24 -10.41 -34.82
N SER D 213 5.48 -10.65 -33.76
CA SER D 213 4.73 -11.86 -33.53
C SER D 213 3.36 -11.53 -32.96
N CYS D 214 2.31 -11.97 -33.66
CA CYS D 214 0.92 -11.75 -33.25
C CYS D 214 0.29 -13.07 -32.85
N GLN D 215 -0.63 -13.05 -31.88
CA GLN D 215 -1.36 -14.24 -31.46
C GLN D 215 -2.83 -13.88 -31.39
N VAL D 216 -3.71 -14.74 -31.90
CA VAL D 216 -5.16 -14.51 -31.91
C VAL D 216 -5.90 -15.58 -31.10
N TYR D 217 -6.82 -15.19 -30.22
CA TYR D 217 -7.70 -16.17 -29.56
C TYR D 217 -9.01 -16.26 -30.34
N GLN D 218 -9.33 -17.44 -30.86
CA GLN D 218 -10.53 -17.62 -31.70
C GLN D 218 -11.57 -18.56 -31.05
N ARG D 219 -12.67 -18.01 -30.56
CA ARG D 219 -13.57 -18.79 -29.70
C ARG D 219 -14.33 -19.94 -30.38
N SER D 220 -14.65 -19.76 -31.66
CA SER D 220 -15.40 -20.79 -32.39
C SER D 220 -14.75 -21.09 -33.75
N GLY D 221 -14.15 -22.28 -33.91
CA GLY D 221 -13.53 -22.66 -35.17
C GLY D 221 -14.30 -23.44 -36.23
N ASP D 222 -14.02 -23.10 -37.49
CA ASP D 222 -14.52 -23.82 -38.65
C ASP D 222 -13.36 -24.50 -39.26
N MET D 223 -13.22 -25.80 -39.12
CA MET D 223 -11.93 -26.36 -39.52
C MET D 223 -11.69 -26.20 -41.03
N GLY D 224 -12.71 -26.43 -41.85
CA GLY D 224 -12.53 -26.39 -43.29
C GLY D 224 -12.88 -25.10 -43.99
N LEU D 225 -13.46 -24.14 -43.28
CA LEU D 225 -13.90 -22.88 -43.89
C LEU D 225 -13.29 -21.67 -43.18
N GLY D 226 -13.74 -21.38 -41.97
CA GLY D 226 -13.30 -20.19 -41.24
C GLY D 226 -11.90 -20.14 -40.65
N VAL D 227 -11.36 -21.27 -40.22
CA VAL D 227 -10.03 -21.23 -39.60
C VAL D 227 -8.92 -20.86 -40.59
N PRO D 228 -8.82 -21.56 -41.73
CA PRO D 228 -7.76 -21.18 -42.66
C PRO D 228 -7.91 -19.77 -43.26
N PHE D 229 -9.13 -19.23 -43.27
CA PHE D 229 -9.35 -17.87 -43.73
C PHE D 229 -8.73 -16.94 -42.70
N ASN D 230 -9.02 -17.24 -41.44
CA ASN D 230 -8.61 -16.41 -40.33
C ASN D 230 -7.10 -16.35 -40.18
N ILE D 231 -6.47 -17.51 -40.27
CA ILE D 231 -5.04 -17.62 -40.18
C ILE D 231 -4.39 -16.60 -41.11
N ALA D 232 -4.84 -16.54 -42.36
CA ALA D 232 -4.20 -15.65 -43.32
C ALA D 232 -4.66 -14.21 -43.11
N GLY D 233 -5.66 -14.01 -42.25
CA GLY D 233 -5.99 -12.66 -41.84
C GLY D 233 -4.90 -12.07 -40.94
N TYR D 234 -4.65 -12.76 -39.83
CA TYR D 234 -3.77 -12.23 -38.81
C TYR D 234 -2.31 -12.46 -39.16
N ALA D 235 -2.04 -13.43 -40.03
CA ALA D 235 -0.71 -13.60 -40.61
C ALA D 235 -0.36 -12.37 -41.47
N LEU D 236 -1.31 -11.95 -42.30
CA LEU D 236 -1.21 -10.73 -43.07
C LEU D 236 -1.16 -9.55 -42.11
N LEU D 237 -2.07 -9.52 -41.14
CA LEU D 237 -2.11 -8.41 -40.19
C LEU D 237 -0.78 -8.26 -39.48
N THR D 238 -0.16 -9.40 -39.16
CA THR D 238 1.18 -9.36 -38.57
C THR D 238 2.22 -8.93 -39.60
N TYR D 239 2.01 -9.30 -40.87
CA TYR D 239 2.92 -8.90 -41.93
C TYR D 239 2.75 -7.42 -42.16
N ILE D 240 1.50 -6.98 -42.28
CA ILE D 240 1.21 -5.55 -42.45
C ILE D 240 1.74 -4.68 -41.30
N VAL D 241 1.32 -4.96 -40.07
CA VAL D 241 1.72 -4.18 -38.93
C VAL D 241 3.24 -4.15 -38.81
N ALA D 242 3.88 -5.24 -39.19
CA ALA D 242 5.34 -5.30 -39.20
C ALA D 242 5.96 -4.30 -40.19
N HIS D 243 5.45 -4.28 -41.42
CA HIS D 243 6.08 -3.48 -42.45
C HIS D 243 5.89 -2.00 -42.19
N VAL D 244 4.74 -1.64 -41.63
CA VAL D 244 4.54 -0.28 -41.18
C VAL D 244 5.68 0.10 -40.25
N THR D 245 5.89 -0.73 -39.23
CA THR D 245 6.92 -0.51 -38.20
C THR D 245 8.36 -0.68 -38.65
N GLY D 246 8.57 -1.45 -39.71
CA GLY D 246 9.91 -1.77 -40.16
C GLY D 246 10.47 -3.01 -39.47
N LEU D 247 9.63 -3.64 -38.65
CA LEU D 247 9.99 -4.85 -37.91
C LEU D 247 10.02 -6.07 -38.84
N LYS D 248 10.98 -6.99 -38.60
CA LYS D 248 10.97 -8.28 -39.30
C LYS D 248 9.79 -9.11 -38.77
N THR D 249 9.36 -10.08 -39.58
CA THR D 249 8.18 -10.84 -39.23
C THR D 249 8.55 -12.21 -38.63
N GLY D 250 8.36 -12.35 -37.32
CA GLY D 250 8.67 -13.61 -36.64
C GLY D 250 7.72 -14.80 -36.61
N ASP D 251 6.54 -14.63 -36.02
CA ASP D 251 5.72 -15.79 -35.72
C ASP D 251 4.24 -15.46 -35.59
N LEU D 252 3.40 -16.45 -35.82
CA LEU D 252 1.96 -16.32 -35.67
C LEU D 252 1.52 -17.48 -34.84
N ILE D 253 0.81 -17.21 -33.76
CA ILE D 253 0.30 -18.26 -32.88
C ILE D 253 -1.20 -18.29 -32.89
N HIS D 254 -1.77 -19.30 -33.52
CA HIS D 254 -3.21 -19.31 -33.70
C HIS D 254 -3.86 -20.04 -32.54
N THR D 255 -4.53 -19.30 -31.66
CA THR D 255 -5.17 -19.94 -30.51
C THR D 255 -6.63 -20.07 -30.80
N MET D 256 -7.25 -21.13 -30.30
CA MET D 256 -8.70 -21.22 -30.38
C MET D 256 -9.37 -21.97 -29.24
N GLY D 257 -10.59 -21.49 -28.96
CA GLY D 257 -11.54 -22.01 -28.00
C GLY D 257 -12.20 -23.16 -28.73
N ASP D 258 -13.52 -23.32 -28.66
CA ASP D 258 -14.15 -24.46 -29.35
C ASP D 258 -13.64 -24.53 -30.82
N ALA D 259 -13.13 -25.72 -31.18
CA ALA D 259 -12.65 -26.01 -32.52
C ALA D 259 -13.49 -27.17 -33.04
N HIS D 260 -14.13 -27.01 -34.19
CA HIS D 260 -15.11 -28.02 -34.60
C HIS D 260 -15.32 -28.27 -36.10
N ILE D 261 -15.75 -29.50 -36.41
CA ILE D 261 -16.17 -29.91 -37.76
C ILE D 261 -17.66 -30.32 -37.79
N TYR D 262 -18.36 -30.02 -38.88
CA TYR D 262 -19.75 -30.44 -39.05
C TYR D 262 -19.79 -31.87 -39.55
N LEU D 263 -20.78 -32.63 -39.10
CA LEU D 263 -20.88 -34.02 -39.50
C LEU D 263 -21.02 -34.10 -41.03
N ASN D 264 -21.57 -33.07 -41.68
CA ASN D 264 -21.60 -33.00 -43.14
C ASN D 264 -20.26 -33.25 -43.73
N HIS D 265 -19.41 -32.27 -43.51
CA HIS D 265 -18.21 -32.14 -44.31
C HIS D 265 -17.13 -33.14 -43.88
N ILE D 266 -17.43 -33.96 -42.86
CA ILE D 266 -16.47 -34.89 -42.28
C ILE D 266 -15.68 -35.71 -43.32
N ASP D 267 -16.34 -36.32 -44.28
CA ASP D 267 -15.56 -37.10 -45.21
C ASP D 267 -14.65 -36.21 -46.04
N ALA D 268 -15.11 -35.00 -46.35
CA ALA D 268 -14.39 -34.10 -47.23
C ALA D 268 -13.10 -33.56 -46.65
N LEU D 269 -12.89 -33.70 -45.35
CA LEU D 269 -11.60 -33.40 -44.73
C LEU D 269 -10.64 -34.57 -44.83
N LYS D 270 -11.22 -35.76 -44.72
CA LYS D 270 -10.46 -36.97 -44.87
C LYS D 270 -9.94 -37.06 -46.29
N VAL D 271 -10.70 -36.60 -47.27
CA VAL D 271 -10.11 -36.43 -48.61
C VAL D 271 -8.97 -35.41 -48.50
N GLN D 272 -9.16 -34.37 -47.68
CA GLN D 272 -8.18 -33.30 -47.51
C GLN D 272 -6.99 -33.75 -46.69
N LEU D 273 -7.25 -34.58 -45.69
CA LEU D 273 -6.20 -35.17 -44.84
C LEU D 273 -5.22 -36.03 -45.62
N ALA D 274 -5.76 -36.84 -46.52
CA ALA D 274 -5.01 -37.74 -47.37
C ALA D 274 -4.02 -36.96 -48.23
N ARG D 275 -4.18 -35.64 -48.27
CA ARG D 275 -3.31 -34.80 -49.06
C ARG D 275 -2.01 -34.48 -48.36
N SER D 276 -0.91 -34.69 -49.09
CA SER D 276 0.40 -34.16 -48.71
C SER D 276 0.35 -32.67 -48.91
N PRO D 277 0.68 -31.90 -47.86
CA PRO D 277 0.69 -30.44 -48.03
C PRO D 277 1.72 -29.96 -49.06
N LYS D 278 1.74 -28.66 -49.34
CA LYS D 278 2.70 -28.09 -50.27
C LYS D 278 3.37 -26.89 -49.63
N PRO D 279 4.64 -26.61 -50.01
CA PRO D 279 5.35 -25.45 -49.44
C PRO D 279 4.61 -24.13 -49.63
N PHE D 280 4.44 -23.41 -48.52
CA PHE D 280 3.77 -22.12 -48.51
C PHE D 280 4.34 -21.08 -49.50
N PRO D 281 3.49 -20.18 -50.01
CA PRO D 281 3.97 -19.12 -50.91
C PRO D 281 4.85 -18.14 -50.18
N CYS D 282 5.45 -17.16 -50.85
CA CYS D 282 6.09 -16.09 -50.12
C CYS D 282 5.31 -14.80 -50.38
N LEU D 283 4.97 -14.05 -49.33
CA LEU D 283 4.27 -12.80 -49.55
C LEU D 283 5.28 -11.69 -49.80
N LYS D 284 4.91 -10.78 -50.69
CA LYS D 284 5.70 -9.58 -51.04
C LYS D 284 4.84 -8.35 -50.95
N ILE D 285 5.37 -7.30 -50.34
CA ILE D 285 4.70 -6.00 -50.40
C ILE D 285 5.49 -5.05 -51.27
N ILE D 286 5.00 -4.80 -52.47
CA ILE D 286 5.78 -4.14 -53.52
C ILE D 286 6.08 -2.65 -53.25
N ARG D 287 5.06 -1.88 -52.88
CA ARG D 287 5.28 -0.47 -52.60
C ARG D 287 5.37 -0.21 -51.10
N ASN D 288 6.27 0.72 -50.74
CA ASN D 288 6.53 1.01 -49.34
C ASN D 288 5.45 1.92 -48.77
N VAL D 289 4.98 1.60 -47.56
CA VAL D 289 3.78 2.26 -47.07
C VAL D 289 3.93 2.78 -45.64
N THR D 290 3.71 4.10 -45.51
CA THR D 290 4.04 4.83 -44.29
C THR D 290 2.87 4.90 -43.30
N ASP D 291 1.67 4.59 -43.79
CA ASP D 291 0.48 4.70 -42.95
C ASP D 291 -0.21 3.36 -42.91
N ILE D 292 -0.81 3.01 -41.78
CA ILE D 292 -1.61 1.78 -41.68
C ILE D 292 -2.85 1.89 -42.55
N ASN D 293 -3.50 3.05 -42.51
CA ASN D 293 -4.80 3.22 -43.16
C ASN D 293 -4.70 3.14 -44.66
N ASP D 294 -3.48 3.31 -45.15
CA ASP D 294 -3.27 3.36 -46.58
C ASP D 294 -2.79 2.00 -46.97
N PHE D 295 -3.69 1.23 -47.57
CA PHE D 295 -3.37 -0.12 -48.05
C PHE D 295 -4.44 -0.50 -49.06
N LYS D 296 -4.15 -1.42 -49.96
CA LYS D 296 -5.18 -1.99 -50.82
C LYS D 296 -4.74 -3.36 -51.26
N TRP D 297 -5.44 -3.89 -52.24
CA TRP D 297 -4.89 -4.90 -53.09
C TRP D 297 -3.78 -4.17 -53.86
N ASP D 298 -3.09 -4.83 -54.78
CA ASP D 298 -2.05 -4.16 -55.61
C ASP D 298 -0.88 -3.67 -54.80
N ASP D 299 -0.95 -3.75 -53.48
CA ASP D 299 0.26 -3.52 -52.68
C ASP D 299 0.99 -4.83 -52.45
N PHE D 300 0.32 -5.96 -52.66
CA PHE D 300 0.84 -7.27 -52.25
C PHE D 300 1.08 -8.24 -53.39
N GLN D 301 2.16 -9.02 -53.29
CA GLN D 301 2.47 -9.99 -54.35
C GLN D 301 2.73 -11.42 -53.87
N LEU D 302 1.84 -12.35 -54.16
CA LEU D 302 2.04 -13.71 -53.68
C LEU D 302 2.89 -14.54 -54.63
N ASP D 303 3.91 -15.18 -54.08
CA ASP D 303 4.81 -16.01 -54.88
C ASP D 303 4.59 -17.51 -54.71
N GLY D 304 4.09 -18.16 -55.76
CA GLY D 304 4.04 -19.62 -55.80
C GLY D 304 3.04 -20.39 -54.95
N TYR D 305 1.82 -19.87 -54.84
CA TYR D 305 0.77 -20.58 -54.13
C TYR D 305 0.00 -21.43 -55.12
N ASN D 306 0.19 -22.73 -55.02
CA ASN D 306 -0.55 -23.70 -55.82
C ASN D 306 -1.18 -24.77 -54.92
N PRO D 307 -2.41 -24.54 -54.43
CA PRO D 307 -3.12 -25.48 -53.55
C PRO D 307 -3.65 -26.73 -54.27
N HIS D 308 -4.05 -27.74 -53.49
CA HIS D 308 -4.82 -28.87 -54.02
C HIS D 308 -6.21 -28.40 -54.49
N PRO D 309 -6.75 -29.02 -55.57
CA PRO D 309 -8.14 -28.72 -55.95
C PRO D 309 -9.08 -29.19 -54.85
N PRO D 310 -10.38 -28.93 -54.99
CA PRO D 310 -11.26 -29.43 -53.92
C PRO D 310 -11.91 -30.80 -54.23
#